data_1TVB
#
_entry.id   1TVB
#
_cell.length_a   58.388
_cell.length_b   84.452
_cell.length_c   84.016
_cell.angle_alpha   90.00
_cell.angle_beta   90.01
_cell.angle_gamma   90.00
#
_symmetry.space_group_name_H-M   'P 1 21 1'
#
loop_
_entity.id
_entity.type
_entity.pdbx_description
1 polymer 'HLA class I histocompatibility antigen, A-2 alpha chain'
2 polymer Beta-2-microglobulin
3 polymer 'epitope of Melanocyte protein Pmel 17'
4 non-polymer GLYCEROL
5 water water
#
loop_
_entity_poly.entity_id
_entity_poly.type
_entity_poly.pdbx_seq_one_letter_code
_entity_poly.pdbx_strand_id
1 'polypeptide(L)'
;GSHSMRYFFTSVSRPGRGEPRFIAVGYVDDTQFVRFDSDAASQRMEPRAPWIEQEGPEYWDGETRKVKAHSQTHRVDLGT
LRGYYNQSEAGSHTVQRMYGCDVGSDWRFLRGYHQYAYDGKDYIALKEDLRSWTAADMAAQTTKHKWEAAHVAEQLRAYL
EGTCVEWLRRYLENGKETLQRTDAPKTHMTHHAVSDHEATLRCWALSFYPAEITLTWQRDGEDQTQDTELVETRPAGDGT
FQKWAAVVVPSGQEQRYTCHVQHEGLPKPLTLRWE
;
A,D
2 'polypeptide(L)'
;MIQRTPKIQVYSRHPAENGKSNFLNCYVSGFHPSDIEVDLLKNGERIEKVEHSDLSFSKDWSFYLLYYTEFTPTEKDEYA
CRVNHVTLSQPKIVKWDRDM
;
B,E
3 'polypeptide(L)' ITDQVPFSV C,F
#
loop_
_chem_comp.id
_chem_comp.type
_chem_comp.name
_chem_comp.formula
GOL non-polymer GLYCEROL 'C3 H8 O3'
#
# COMPACT_ATOMS: atom_id res chain seq x y z
N GLY A 1 12.93 9.15 4.24
CA GLY A 1 12.43 10.33 4.99
C GLY A 1 11.26 10.01 5.91
N SER A 2 10.70 8.80 5.83
CA SER A 2 9.52 8.51 6.63
C SER A 2 9.91 8.04 8.02
N HIS A 3 9.04 8.26 9.04
CA HIS A 3 9.38 7.91 10.44
C HIS A 3 8.31 7.24 11.31
N SER A 4 8.76 6.53 12.33
CA SER A 4 7.81 5.88 13.21
C SER A 4 8.23 5.92 14.69
N MET A 5 7.26 5.91 15.61
CA MET A 5 7.51 5.63 17.02
C MET A 5 6.68 4.43 17.43
N ARG A 6 7.32 3.45 18.05
CA ARG A 6 6.62 2.26 18.46
C ARG A 6 7.03 1.88 19.86
N TYR A 7 6.05 1.46 20.69
CA TYR A 7 6.34 0.85 21.97
C TYR A 7 5.92 -0.61 21.93
N PHE A 8 6.75 -1.48 22.51
CA PHE A 8 6.52 -2.93 22.49
C PHE A 8 6.48 -3.41 23.95
N PHE A 9 5.48 -4.21 24.31
CA PHE A 9 5.38 -4.63 25.69
C PHE A 9 5.12 -6.10 25.70
N THR A 10 5.85 -6.83 26.53
CA THR A 10 5.70 -8.26 26.68
C THR A 10 5.48 -8.66 28.13
N SER A 11 4.43 -9.43 28.43
CA SER A 11 4.31 -9.98 29.78
C SER A 11 4.18 -11.47 29.67
N VAL A 12 4.88 -12.16 30.54
CA VAL A 12 4.91 -13.61 30.50
C VAL A 12 4.59 -14.13 31.88
N SER A 13 3.57 -14.97 32.01
CA SER A 13 3.32 -15.55 33.30
C SER A 13 4.29 -16.66 33.62
N ARG A 14 4.61 -16.79 34.90
CA ARG A 14 5.40 -17.88 35.38
C ARG A 14 4.77 -18.45 36.67
N PRO A 15 3.67 -19.14 36.51
CA PRO A 15 2.87 -19.54 37.69
C PRO A 15 3.69 -20.37 38.70
N GLY A 16 3.62 -19.95 39.95
CA GLY A 16 4.39 -20.53 41.04
C GLY A 16 5.88 -20.16 41.08
N ARG A 17 6.27 -19.13 40.33
CA ARG A 17 7.65 -18.65 40.29
C ARG A 17 7.58 -17.13 40.32
N GLY A 18 6.54 -16.60 40.97
CA GLY A 18 6.44 -15.16 41.15
C GLY A 18 5.45 -14.49 40.23
N GLU A 19 5.55 -13.17 40.14
CA GLU A 19 4.66 -12.37 39.33
C GLU A 19 5.13 -12.50 37.88
N PRO A 20 4.28 -12.19 36.91
CA PRO A 20 4.68 -12.23 35.49
C PRO A 20 5.85 -11.32 35.16
N ARG A 21 6.72 -11.75 34.22
CA ARG A 21 7.82 -10.91 33.79
C ARG A 21 7.26 -9.90 32.83
N PHE A 22 7.68 -8.64 32.92
CA PHE A 22 7.19 -7.59 32.02
C PHE A 22 8.38 -6.84 31.49
N ILE A 23 8.41 -6.67 30.16
CA ILE A 23 9.51 -5.91 29.54
C ILE A 23 8.87 -4.92 28.60
N ALA A 24 9.20 -3.62 28.69
CA ALA A 24 8.71 -2.65 27.72
C ALA A 24 9.92 -2.01 27.02
N VAL A 25 9.83 -1.80 25.71
CA VAL A 25 10.82 -1.02 24.98
C VAL A 25 10.17 -0.06 24.05
N GLY A 26 10.86 1.05 23.80
CA GLY A 26 10.36 2.04 22.86
C GLY A 26 11.42 2.34 21.80
N TYR A 27 10.95 2.52 20.56
CA TYR A 27 11.82 2.80 19.42
C TYR A 27 11.35 4.00 18.67
N VAL A 28 12.31 4.74 18.12
CA VAL A 28 12.02 5.65 17.01
C VAL A 28 12.69 5.03 15.79
N ASP A 29 11.89 4.69 14.77
CA ASP A 29 12.44 3.99 13.60
C ASP A 29 13.14 2.73 14.11
N ASP A 30 14.41 2.52 13.74
CA ASP A 30 15.11 1.31 14.17
C ASP A 30 16.06 1.56 15.35
N THR A 31 15.80 2.61 16.12
CA THR A 31 16.69 3.00 17.21
C THR A 31 15.94 2.91 18.52
N GLN A 32 16.40 2.08 19.43
CA GLN A 32 15.71 1.96 20.72
C GLN A 32 16.08 3.15 21.57
N PHE A 33 15.12 3.64 22.38
CA PHE A 33 15.43 4.74 23.27
C PHE A 33 15.05 4.61 24.74
N VAL A 34 14.13 3.71 25.09
CA VAL A 34 13.81 3.46 26.49
C VAL A 34 13.60 1.97 26.76
N ARG A 35 13.73 1.59 28.04
CA ARG A 35 13.31 0.24 28.41
C ARG A 35 12.74 0.26 29.81
N PHE A 36 11.95 -0.75 30.14
CA PHE A 36 11.67 -1.07 31.54
C PHE A 36 11.69 -2.58 31.65
N ASP A 37 12.29 -3.12 32.72
CA ASP A 37 12.30 -4.57 32.99
C ASP A 37 11.87 -4.82 34.40
N SER A 38 10.79 -5.60 34.57
CA SER A 38 10.21 -5.86 35.91
C SER A 38 11.19 -6.63 36.80
N ASP A 39 12.11 -7.37 36.21
CA ASP A 39 13.02 -8.14 37.06
C ASP A 39 14.23 -7.36 37.50
N ALA A 40 14.44 -6.18 36.91
CA ALA A 40 15.64 -5.43 37.14
C ALA A 40 15.53 -4.66 38.45
N ALA A 41 16.69 -4.31 39.00
CA ALA A 41 16.74 -3.69 40.32
C ALA A 41 16.16 -2.28 40.39
N SER A 42 16.30 -1.49 39.33
CA SER A 42 16.02 -0.04 39.40
C SER A 42 14.54 0.28 39.56
N GLN A 43 13.69 -0.59 39.00
CA GLN A 43 12.27 -0.33 38.85
C GLN A 43 11.98 1.03 38.19
N ARG A 44 12.79 1.41 37.19
CA ARG A 44 12.59 2.68 36.52
C ARG A 44 12.58 2.49 35.05
N MET A 45 11.86 3.35 34.32
CA MET A 45 12.03 3.50 32.87
C MET A 45 13.42 4.11 32.66
N GLU A 46 14.25 3.48 31.81
CA GLU A 46 15.63 3.88 31.69
C GLU A 46 15.94 4.31 30.24
N PRO A 47 16.82 5.31 30.07
CA PRO A 47 17.28 5.70 28.74
C PRO A 47 18.14 4.64 28.06
N ARG A 48 18.00 4.53 26.74
CA ARG A 48 18.80 3.56 25.94
C ARG A 48 19.34 4.23 24.65
N ALA A 49 19.20 5.55 24.55
CA ALA A 49 19.76 6.32 23.46
C ALA A 49 20.30 7.61 24.06
N PRO A 50 21.43 8.12 23.61
CA PRO A 50 21.95 9.39 24.15
C PRO A 50 20.99 10.59 24.14
N TRP A 51 20.20 10.76 23.10
CA TRP A 51 19.37 11.94 22.96
C TRP A 51 18.12 12.00 23.86
N ILE A 52 17.74 10.89 24.50
CA ILE A 52 16.57 10.93 25.43
C ILE A 52 17.06 11.31 26.84
N GLU A 53 18.37 11.25 27.04
CA GLU A 53 18.96 11.49 28.39
C GLU A 53 18.69 12.89 28.95
N GLN A 54 18.54 13.87 28.06
CA GLN A 54 18.26 15.24 28.45
C GLN A 54 16.84 15.47 28.95
N GLU A 55 15.92 14.51 28.75
CA GLU A 55 14.60 14.63 29.34
C GLU A 55 14.75 14.72 30.87
N GLY A 56 13.97 15.60 31.48
CA GLY A 56 14.09 15.89 32.89
C GLY A 56 13.40 14.89 33.80
N PRO A 57 13.48 15.15 35.10
CA PRO A 57 12.98 14.18 36.08
C PRO A 57 11.48 13.92 35.99
N GLU A 58 10.68 14.88 35.55
CA GLU A 58 9.24 14.68 35.40
C GLU A 58 8.91 13.67 34.32
N TYR A 59 9.77 13.62 33.29
CA TYR A 59 9.60 12.69 32.23
C TYR A 59 9.89 11.31 32.78
N TRP A 60 11.01 11.15 33.45
CA TRP A 60 11.38 9.80 33.90
C TRP A 60 10.47 9.28 35.00
N ASP A 61 10.06 10.16 35.91
CA ASP A 61 9.12 9.78 36.97
C ASP A 61 7.79 9.37 36.36
N GLY A 62 7.33 10.16 35.39
CA GLY A 62 6.03 9.94 34.76
C GLY A 62 6.04 8.69 33.92
N GLU A 63 7.10 8.48 33.15
CA GLU A 63 7.17 7.28 32.32
C GLU A 63 7.32 6.02 33.15
N THR A 64 8.02 6.10 34.26
CA THR A 64 8.11 4.98 35.16
C THR A 64 6.72 4.65 35.74
N ARG A 65 5.98 5.67 36.18
CA ARG A 65 4.64 5.43 36.74
C ARG A 65 3.67 4.82 35.69
N LYS A 66 3.71 5.36 34.48
CA LYS A 66 2.86 4.81 33.43
C LYS A 66 3.22 3.40 33.02
N VAL A 67 4.52 3.12 32.93
CA VAL A 67 4.89 1.78 32.45
C VAL A 67 4.61 0.72 33.52
N LYS A 68 4.76 1.08 34.79
CA LYS A 68 4.38 0.17 35.88
C LYS A 68 2.87 -0.08 35.84
N ALA A 69 2.11 0.94 35.45
CA ALA A 69 0.63 0.78 35.32
C ALA A 69 0.25 -0.10 34.14
N HIS A 70 1.01 -0.05 33.04
CA HIS A 70 0.80 -0.96 31.90
C HIS A 70 1.06 -2.39 32.41
N SER A 71 2.14 -2.54 33.18
CA SER A 71 2.56 -3.86 33.68
C SER A 71 1.46 -4.47 34.54
N GLN A 72 0.79 -3.65 35.35
CA GLN A 72 -0.27 -4.14 36.21
C GLN A 72 -1.52 -4.55 35.42
N THR A 73 -1.83 -3.80 34.37
CA THR A 73 -2.97 -4.11 33.51
C THR A 73 -2.68 -5.47 32.82
N HIS A 74 -1.45 -5.68 32.35
CA HIS A 74 -1.15 -7.00 31.73
C HIS A 74 -1.19 -8.13 32.73
N ARG A 75 -0.80 -7.88 33.99
CA ARG A 75 -0.98 -8.86 35.04
C ARG A 75 -2.44 -9.28 35.19
N VAL A 76 -3.34 -8.30 35.18
CA VAL A 76 -4.80 -8.61 35.20
C VAL A 76 -5.22 -9.38 33.96
N ASP A 77 -4.69 -8.94 32.82
CA ASP A 77 -5.05 -9.55 31.53
C ASP A 77 -4.67 -11.02 31.51
N LEU A 78 -3.51 -11.38 32.04
CA LEU A 78 -3.13 -12.78 31.99
C LEU A 78 -4.16 -13.66 32.73
N GLY A 79 -4.67 -13.19 33.86
CA GLY A 79 -5.73 -13.88 34.56
C GLY A 79 -7.01 -13.98 33.75
N THR A 80 -7.40 -12.83 33.17
CA THR A 80 -8.62 -12.74 32.38
C THR A 80 -8.59 -13.68 31.18
N LEU A 81 -7.47 -13.67 30.44
CA LEU A 81 -7.28 -14.55 29.27
C LEU A 81 -7.32 -16.02 29.60
N ARG A 82 -6.74 -16.41 30.73
CA ARG A 82 -6.85 -17.77 31.15
C ARG A 82 -8.33 -18.17 31.40
N GLY A 83 -9.15 -17.24 31.89
CA GLY A 83 -10.57 -17.53 32.08
C GLY A 83 -11.27 -17.58 30.73
N TYR A 84 -10.98 -16.60 29.85
CA TYR A 84 -11.65 -16.61 28.53
C TYR A 84 -11.38 -17.92 27.76
N TYR A 85 -10.16 -18.44 27.86
CA TYR A 85 -9.80 -19.66 27.11
C TYR A 85 -9.87 -20.93 27.94
N ASN A 86 -10.41 -20.86 29.16
CA ASN A 86 -10.48 -22.05 30.06
C ASN A 86 -9.14 -22.78 30.23
N GLN A 87 -8.09 -22.00 30.42
CA GLN A 87 -6.76 -22.59 30.53
C GLN A 87 -6.37 -22.80 31.95
N SER A 88 -5.45 -23.73 32.14
CA SER A 88 -5.12 -24.17 33.49
C SER A 88 -4.15 -23.19 34.15
N GLU A 89 -4.09 -23.31 35.49
CA GLU A 89 -3.35 -22.40 36.37
C GLU A 89 -1.89 -22.42 36.09
N ALA A 90 -1.38 -23.53 35.63
CA ALA A 90 0.03 -23.67 35.80
C ALA A 90 0.91 -23.37 34.60
N GLY A 91 0.36 -23.37 33.38
CA GLY A 91 1.18 -23.15 32.18
C GLY A 91 1.56 -21.70 32.00
N SER A 92 2.69 -21.43 31.33
CA SER A 92 3.13 -20.07 31.10
C SER A 92 2.46 -19.55 29.83
N HIS A 93 1.97 -18.31 29.86
CA HIS A 93 1.36 -17.70 28.66
C HIS A 93 1.94 -16.32 28.38
N THR A 94 1.70 -15.78 27.19
CA THR A 94 2.34 -14.53 26.81
C THR A 94 1.34 -13.53 26.30
N VAL A 95 1.37 -12.31 26.84
CA VAL A 95 0.64 -11.21 26.24
C VAL A 95 1.62 -10.22 25.65
N GLN A 96 1.30 -9.78 24.46
CA GLN A 96 2.13 -8.76 23.80
C GLN A 96 1.26 -7.64 23.37
N ARG A 97 1.78 -6.41 23.45
CA ARG A 97 1.08 -5.23 22.94
C ARG A 97 2.09 -4.33 22.22
N MET A 98 1.66 -3.78 21.11
CA MET A 98 2.49 -2.81 20.39
C MET A 98 1.60 -1.70 19.95
N TYR A 99 2.12 -0.47 20.04
CA TYR A 99 1.36 0.63 19.50
C TYR A 99 2.29 1.75 19.11
N GLY A 100 1.75 2.69 18.35
CA GLY A 100 2.51 3.85 17.93
C GLY A 100 2.04 4.47 16.65
N CYS A 101 2.86 5.36 16.07
CA CYS A 101 2.39 6.17 14.93
C CYS A 101 3.47 6.24 13.89
N ASP A 102 3.05 6.45 12.63
CA ASP A 102 3.94 6.69 11.51
C ASP A 102 3.66 8.11 11.00
N VAL A 103 4.72 8.77 10.53
CA VAL A 103 4.63 10.06 9.86
C VAL A 103 5.40 9.92 8.57
N GLY A 104 5.14 10.78 7.60
CA GLY A 104 5.86 10.71 6.33
C GLY A 104 7.13 11.56 6.35
N SER A 105 7.70 11.82 5.17
CA SER A 105 8.80 12.77 5.03
C SER A 105 8.57 14.20 5.56
N ASP A 106 7.32 14.64 5.60
CA ASP A 106 6.92 15.97 6.07
C ASP A 106 6.54 16.00 7.54
N TRP A 107 6.66 14.83 8.19
CA TRP A 107 6.42 14.62 9.61
C TRP A 107 4.98 14.77 10.08
N ARG A 108 4.06 14.65 9.14
CA ARG A 108 2.67 14.70 9.51
C ARG A 108 2.16 13.26 9.69
N PHE A 109 1.26 13.10 10.65
CA PHE A 109 0.56 11.79 10.88
C PHE A 109 0.18 11.10 9.59
N LEU A 110 0.54 9.82 9.49
CA LEU A 110 0.26 9.00 8.33
C LEU A 110 -0.73 7.91 8.78
N ARG A 111 -0.28 7.09 9.74
CA ARG A 111 -1.11 6.00 10.28
C ARG A 111 -0.86 5.81 11.78
N GLY A 112 -1.85 5.22 12.46
CA GLY A 112 -1.68 4.79 13.84
C GLY A 112 -2.00 3.32 14.03
N TYR A 113 -1.46 2.73 15.10
CA TYR A 113 -1.73 1.30 15.34
C TYR A 113 -1.71 0.97 16.79
N HIS A 114 -2.48 -0.05 17.17
CA HIS A 114 -2.50 -0.49 18.55
C HIS A 114 -3.01 -1.92 18.49
N GLN A 115 -2.15 -2.86 18.79
CA GLN A 115 -2.37 -4.29 18.46
C GLN A 115 -2.01 -5.08 19.71
N TYR A 116 -2.74 -6.21 19.91
CA TYR A 116 -2.52 -7.07 21.03
C TYR A 116 -2.48 -8.50 20.54
N ALA A 117 -1.63 -9.32 21.17
CA ALA A 117 -1.52 -10.75 20.88
C ALA A 117 -1.50 -11.57 22.14
N TYR A 118 -2.08 -12.77 22.07
CA TYR A 118 -2.01 -13.68 23.22
C TYR A 118 -1.43 -14.98 22.68
N ASP A 119 -0.39 -15.48 23.36
CA ASP A 119 0.35 -16.66 22.92
C ASP A 119 0.79 -16.68 21.43
N GLY A 120 1.25 -15.52 20.99
CA GLY A 120 1.89 -15.41 19.68
C GLY A 120 0.98 -15.20 18.49
N LYS A 121 -0.30 -15.02 18.76
CA LYS A 121 -1.33 -14.91 17.72
C LYS A 121 -2.07 -13.59 17.90
N ASP A 122 -2.49 -12.96 16.80
CA ASP A 122 -3.38 -11.79 16.87
C ASP A 122 -4.56 -12.07 17.83
N TYR A 123 -4.82 -11.12 18.72
CA TYR A 123 -5.96 -11.16 19.62
C TYR A 123 -6.93 -10.04 19.23
N ILE A 124 -6.52 -8.78 19.46
CA ILE A 124 -7.36 -7.68 19.01
C ILE A 124 -6.50 -6.51 18.53
N ALA A 125 -7.03 -5.75 17.59
CA ALA A 125 -6.27 -4.63 17.05
C ALA A 125 -7.22 -3.51 16.64
N LEU A 126 -6.81 -2.27 16.83
CA LEU A 126 -7.45 -1.14 16.17
C LEU A 126 -7.34 -1.20 14.68
N LYS A 127 -8.43 -0.93 14.01
CA LYS A 127 -8.45 -0.81 12.55
C LYS A 127 -7.80 0.47 12.15
N GLU A 128 -7.55 0.59 10.82
CA GLU A 128 -6.93 1.77 10.23
C GLU A 128 -7.58 3.14 10.57
N ASP A 129 -8.91 3.14 10.68
CA ASP A 129 -9.65 4.38 10.95
C ASP A 129 -9.57 4.84 12.42
N LEU A 130 -8.95 3.99 13.26
CA LEU A 130 -8.79 4.19 14.70
C LEU A 130 -10.13 4.35 15.43
N ARG A 131 -11.19 3.82 14.83
CA ARG A 131 -12.52 3.93 15.41
C ARG A 131 -13.19 2.60 15.69
N SER A 132 -12.56 1.52 15.27
CA SER A 132 -13.20 0.21 15.33
C SER A 132 -12.14 -0.83 15.56
N TRP A 133 -12.57 -2.06 15.83
CA TRP A 133 -11.67 -3.10 16.26
C TRP A 133 -11.76 -4.34 15.37
N THR A 134 -10.64 -5.02 15.19
CA THR A 134 -10.63 -6.35 14.54
C THR A 134 -10.35 -7.36 15.66
N ALA A 135 -11.30 -8.25 15.96
CA ALA A 135 -11.05 -9.23 17.01
C ALA A 135 -10.91 -10.55 16.33
N ALA A 136 -9.84 -11.26 16.65
CA ALA A 136 -9.43 -12.43 15.89
C ALA A 136 -10.17 -13.72 16.14
N ASP A 137 -10.87 -13.82 17.27
CA ASP A 137 -11.56 -15.04 17.67
C ASP A 137 -12.71 -14.71 18.64
N MET A 138 -13.38 -15.71 19.22
CA MET A 138 -14.55 -15.42 20.05
C MET A 138 -14.22 -14.75 21.35
N ALA A 139 -13.11 -15.16 21.97
CA ALA A 139 -12.71 -14.50 23.22
C ALA A 139 -12.37 -13.03 23.01
N ALA A 140 -11.74 -12.73 21.90
CA ALA A 140 -11.44 -11.35 21.63
C ALA A 140 -12.69 -10.53 21.30
N GLN A 141 -13.79 -11.18 20.85
CA GLN A 141 -15.05 -10.44 20.73
C GLN A 141 -15.58 -9.96 22.08
N THR A 142 -15.44 -10.77 23.14
CA THR A 142 -15.74 -10.30 24.47
C THR A 142 -14.98 -9.00 24.83
N THR A 143 -13.66 -9.00 24.60
CA THR A 143 -12.89 -7.74 24.79
C THR A 143 -13.40 -6.57 23.93
N LYS A 144 -13.68 -6.85 22.66
CA LYS A 144 -14.25 -5.81 21.79
C LYS A 144 -15.52 -5.22 22.38
N HIS A 145 -16.41 -6.08 22.92
CA HIS A 145 -17.66 -5.54 23.47
C HIS A 145 -17.39 -4.61 24.63
N LYS A 146 -16.48 -5.05 25.51
CA LYS A 146 -16.09 -4.26 26.67
C LYS A 146 -15.37 -2.98 26.32
N TRP A 147 -14.50 -3.06 25.32
CA TRP A 147 -13.80 -1.84 24.88
C TRP A 147 -14.68 -0.86 24.12
N GLU A 148 -15.70 -1.36 23.40
CA GLU A 148 -16.65 -0.46 22.75
C GLU A 148 -17.51 0.26 23.78
N ALA A 149 -18.01 -0.49 24.78
CA ALA A 149 -18.84 0.10 25.82
C ALA A 149 -18.06 1.16 26.64
N ALA A 150 -16.75 0.97 26.75
CA ALA A 150 -15.86 1.84 27.53
C ALA A 150 -15.20 2.94 26.68
N HIS A 151 -15.56 2.99 25.39
CA HIS A 151 -15.05 4.00 24.44
C HIS A 151 -13.51 4.10 24.44
N VAL A 152 -12.90 2.92 24.42
CA VAL A 152 -11.46 2.79 24.42
C VAL A 152 -10.86 3.38 23.15
N ALA A 153 -11.52 3.12 22.01
CA ALA A 153 -10.94 3.59 20.73
C ALA A 153 -10.73 5.10 20.69
N GLU A 154 -11.70 5.88 21.19
CA GLU A 154 -11.61 7.33 21.16
C GLU A 154 -10.44 7.88 21.94
N GLN A 155 -10.12 7.24 23.05
CA GLN A 155 -9.03 7.67 23.88
C GLN A 155 -7.71 7.31 23.18
N LEU A 156 -7.65 6.12 22.58
CA LEU A 156 -6.43 5.75 21.85
C LEU A 156 -6.17 6.61 20.61
N ARG A 157 -7.21 6.93 19.85
CA ARG A 157 -7.07 7.77 18.66
C ARG A 157 -6.49 9.14 18.97
N ALA A 158 -6.97 9.75 20.04
CA ALA A 158 -6.44 11.04 20.52
C ALA A 158 -4.95 10.97 20.83
N TYR A 159 -4.51 9.87 21.45
CA TYR A 159 -3.06 9.67 21.62
C TYR A 159 -2.33 9.52 20.29
N LEU A 160 -2.76 8.57 19.48
CA LEU A 160 -2.04 8.19 18.28
C LEU A 160 -1.95 9.32 17.26
N GLU A 161 -3.02 10.13 17.13
CA GLU A 161 -3.00 11.27 16.19
C GLU A 161 -2.38 12.52 16.78
N GLY A 162 -2.29 12.61 18.11
CA GLY A 162 -1.88 13.83 18.76
C GLY A 162 -0.53 13.68 19.44
N THR A 163 -0.56 13.27 20.70
CA THR A 163 0.62 13.12 21.55
C THR A 163 1.74 12.30 20.93
N CYS A 164 1.39 11.15 20.37
CA CYS A 164 2.35 10.24 19.74
C CYS A 164 3.13 11.00 18.65
N VAL A 165 2.40 11.68 17.75
CA VAL A 165 2.99 12.50 16.69
C VAL A 165 3.85 13.66 17.25
N GLU A 166 3.34 14.34 18.26
CA GLU A 166 4.05 15.45 18.88
C GLU A 166 5.40 15.06 19.49
N TRP A 167 5.42 13.95 20.20
CA TRP A 167 6.61 13.47 20.87
C TRP A 167 7.59 12.81 19.87
N LEU A 168 7.07 12.08 18.87
CA LEU A 168 7.94 11.64 17.77
C LEU A 168 8.71 12.81 17.11
N ARG A 169 8.01 13.91 16.83
CA ARG A 169 8.67 15.12 16.29
C ARG A 169 9.76 15.66 17.18
N ARG A 170 9.45 15.74 18.45
CA ARG A 170 10.43 16.19 19.44
C ARG A 170 11.68 15.29 19.45
N TYR A 171 11.46 13.97 19.46
CA TYR A 171 12.60 13.01 19.48
C TYR A 171 13.41 13.13 18.20
N LEU A 172 12.73 13.29 17.05
CA LEU A 172 13.41 13.40 15.77
C LEU A 172 14.28 14.63 15.73
N GLU A 173 13.83 15.70 16.39
CA GLU A 173 14.62 16.93 16.45
C GLU A 173 15.78 16.81 17.44
N ASN A 174 15.51 16.29 18.64
CA ASN A 174 16.56 16.18 19.68
C ASN A 174 17.65 15.16 19.33
N GLY A 175 17.21 14.11 18.63
CA GLY A 175 18.09 13.04 18.18
C GLY A 175 18.49 13.11 16.74
N LYS A 176 18.50 14.33 16.19
CA LYS A 176 18.61 14.51 14.73
C LYS A 176 19.83 13.83 14.12
N GLU A 177 20.97 13.96 14.78
CA GLU A 177 22.24 13.33 14.38
C GLU A 177 22.09 11.81 14.15
N THR A 178 21.44 11.16 15.09
CA THR A 178 21.21 9.72 15.10
C THR A 178 20.05 9.32 14.20
N LEU A 179 18.91 9.98 14.39
CA LEU A 179 17.66 9.55 13.79
C LEU A 179 17.39 10.05 12.38
N GLN A 180 17.92 11.22 12.05
CA GLN A 180 17.73 11.74 10.69
C GLN A 180 19.00 11.49 9.90
N ARG A 181 19.51 10.28 9.91
CA ARG A 181 20.68 10.02 9.11
C ARG A 181 20.28 8.88 8.21
N THR A 182 21.07 8.69 7.17
CA THR A 182 20.93 7.52 6.39
C THR A 182 22.36 7.05 6.21
N ASP A 183 22.63 5.78 6.51
CA ASP A 183 23.97 5.27 6.22
C ASP A 183 23.74 4.28 5.11
N ALA A 184 24.31 4.55 3.92
CA ALA A 184 24.14 3.65 2.76
C ALA A 184 24.94 2.37 2.97
N PRO A 185 24.44 1.25 2.47
CA PRO A 185 25.17 -0.02 2.67
C PRO A 185 26.48 -0.04 1.90
N LYS A 186 27.48 -0.60 2.56
CA LYS A 186 28.73 -1.00 1.92
C LYS A 186 28.51 -2.39 1.38
N THR A 187 28.59 -2.57 0.06
CA THR A 187 28.21 -3.86 -0.54
C THR A 187 29.36 -4.56 -1.20
N HIS A 188 29.32 -5.91 -1.20
CA HIS A 188 30.21 -6.71 -2.00
C HIS A 188 29.63 -8.08 -2.13
N MET A 189 30.27 -8.91 -2.93
CA MET A 189 29.87 -10.28 -3.06
C MET A 189 31.05 -11.20 -2.76
N THR A 190 30.83 -12.38 -2.12
CA THR A 190 31.91 -13.32 -1.95
C THR A 190 31.63 -14.59 -2.74
N HIS A 191 32.70 -15.32 -3.00
CA HIS A 191 32.62 -16.48 -3.88
C HIS A 191 33.40 -17.56 -3.19
N HIS A 192 32.78 -18.73 -2.94
CA HIS A 192 33.53 -19.86 -2.38
C HIS A 192 33.08 -21.19 -3.00
N ALA A 193 34.03 -22.03 -3.41
CA ALA A 193 33.68 -23.36 -3.93
C ALA A 193 33.04 -24.21 -2.83
N VAL A 194 32.01 -24.97 -3.14
CA VAL A 194 31.55 -25.98 -2.18
C VAL A 194 31.96 -27.38 -2.62
N SER A 195 32.37 -27.50 -3.87
CA SER A 195 32.90 -28.72 -4.42
C SER A 195 33.57 -28.29 -5.69
N ASP A 196 34.00 -29.25 -6.52
CA ASP A 196 34.64 -28.86 -7.78
C ASP A 196 33.63 -28.47 -8.87
N HIS A 197 32.33 -28.50 -8.57
CA HIS A 197 31.37 -28.14 -9.59
C HIS A 197 30.33 -27.12 -9.14
N GLU A 198 30.36 -26.67 -7.86
CA GLU A 198 29.41 -25.64 -7.43
C GLU A 198 30.07 -24.60 -6.52
N ALA A 199 29.54 -23.39 -6.56
CA ALA A 199 30.07 -22.32 -5.72
C ALA A 199 28.95 -21.57 -5.06
N THR A 200 29.18 -21.12 -3.81
CA THR A 200 28.27 -20.21 -3.15
C THR A 200 28.60 -18.77 -3.49
N LEU A 201 27.59 -18.04 -3.93
CA LEU A 201 27.78 -16.58 -4.17
C LEU A 201 26.97 -15.91 -3.11
N ARG A 202 27.58 -15.02 -2.33
CA ARG A 202 26.83 -14.41 -1.24
C ARG A 202 26.94 -12.89 -1.39
N CYS A 203 25.79 -12.23 -1.42
CA CYS A 203 25.78 -10.81 -1.67
C CYS A 203 25.66 -10.14 -0.30
N TRP A 204 26.54 -9.20 0.03
CA TRP A 204 26.53 -8.60 1.39
C TRP A 204 26.18 -7.13 1.39
N ALA A 205 25.46 -6.68 2.44
CA ALA A 205 25.26 -5.28 2.67
C ALA A 205 25.66 -5.02 4.10
N LEU A 206 26.54 -4.03 4.35
CA LEU A 206 27.04 -3.80 5.71
C LEU A 206 26.89 -2.32 6.08
N SER A 207 26.81 -2.08 7.40
CA SER A 207 26.87 -0.73 7.94
C SER A 207 25.81 0.20 7.49
N PHE A 208 24.60 -0.30 7.34
CA PHE A 208 23.54 0.56 6.85
C PHE A 208 22.51 0.93 7.91
N TYR A 209 21.81 2.01 7.63
CA TYR A 209 20.75 2.51 8.51
C TYR A 209 19.87 3.40 7.65
N PRO A 210 18.53 3.32 7.69
CA PRO A 210 17.74 2.39 8.54
C PRO A 210 17.82 0.94 8.11
N ALA A 211 17.10 0.07 8.81
CA ALA A 211 17.25 -1.36 8.57
C ALA A 211 16.57 -1.85 7.30
N GLU A 212 15.58 -1.11 6.78
CA GLU A 212 14.85 -1.59 5.60
C GLU A 212 15.81 -1.67 4.40
N ILE A 213 15.85 -2.81 3.74
CA ILE A 213 16.77 -3.04 2.59
C ILE A 213 16.21 -4.19 1.73
N THR A 214 16.52 -4.20 0.45
CA THR A 214 16.13 -5.34 -0.36
C THR A 214 17.40 -5.85 -1.05
N LEU A 215 17.64 -7.15 -0.98
CA LEU A 215 18.76 -7.78 -1.65
C LEU A 215 18.16 -8.89 -2.48
N THR A 216 18.48 -8.96 -3.77
CA THR A 216 17.89 -10.04 -4.59
C THR A 216 18.95 -10.53 -5.56
N TRP A 217 18.85 -11.79 -5.96
CA TRP A 217 19.73 -12.34 -7.00
C TRP A 217 18.94 -12.48 -8.27
N GLN A 218 19.59 -12.22 -9.41
CA GLN A 218 19.02 -12.51 -10.72
C GLN A 218 19.94 -13.46 -11.49
N ARG A 219 19.40 -14.34 -12.34
CA ARG A 219 20.24 -15.15 -13.25
C ARG A 219 19.82 -14.77 -14.66
N ASP A 220 20.70 -14.18 -15.48
CA ASP A 220 20.27 -13.59 -16.79
C ASP A 220 19.07 -12.66 -16.65
N GLY A 221 19.06 -11.88 -15.58
CA GLY A 221 17.93 -11.04 -15.34
C GLY A 221 16.65 -11.63 -14.74
N GLU A 222 16.62 -12.94 -14.48
CA GLU A 222 15.40 -13.52 -13.93
C GLU A 222 15.58 -13.69 -12.41
N ASP A 223 14.58 -13.29 -11.60
CA ASP A 223 14.79 -13.39 -10.14
C ASP A 223 14.87 -14.86 -9.73
N GLN A 224 15.69 -15.12 -8.74
CA GLN A 224 16.01 -16.48 -8.29
C GLN A 224 15.51 -16.63 -6.86
N THR A 225 14.30 -16.16 -6.61
CA THR A 225 13.84 -16.02 -5.22
C THR A 225 13.69 -17.38 -4.52
N GLN A 226 13.21 -18.42 -5.24
CA GLN A 226 13.12 -19.77 -4.67
C GLN A 226 14.47 -20.39 -4.39
N ASP A 227 15.51 -19.89 -5.03
CA ASP A 227 16.80 -20.49 -4.80
C ASP A 227 17.70 -19.64 -3.95
N THR A 228 17.17 -18.52 -3.45
CA THR A 228 18.00 -17.64 -2.62
C THR A 228 17.80 -17.89 -1.13
N GLU A 229 18.90 -17.90 -0.38
CA GLU A 229 18.82 -17.94 1.08
C GLU A 229 19.02 -16.54 1.54
N LEU A 230 18.01 -15.99 2.16
CA LEU A 230 18.04 -14.58 2.59
C LEU A 230 17.98 -14.55 4.10
N VAL A 231 19.02 -14.07 4.81
CA VAL A 231 18.97 -14.07 6.28
C VAL A 231 18.25 -12.85 6.80
N GLU A 232 17.78 -12.95 8.04
CA GLU A 232 17.15 -11.82 8.68
C GLU A 232 18.15 -10.66 8.85
N THR A 233 17.67 -9.43 8.57
CA THR A 233 18.48 -8.22 8.82
C THR A 233 18.87 -8.20 10.30
N ARG A 234 20.17 -7.98 10.56
CA ARG A 234 20.69 -8.18 11.92
C ARG A 234 21.46 -6.93 12.36
N PRO A 235 21.44 -6.62 13.65
CA PRO A 235 22.17 -5.45 14.15
C PRO A 235 23.68 -5.70 14.25
N ALA A 236 24.50 -4.71 13.89
CA ALA A 236 25.94 -4.82 14.09
C ALA A 236 26.29 -4.51 15.52
N GLY A 237 25.41 -3.78 16.23
CA GLY A 237 25.61 -3.42 17.63
C GLY A 237 26.07 -1.98 17.81
N ASP A 238 26.39 -1.32 16.69
CA ASP A 238 26.88 0.06 16.67
C ASP A 238 25.82 1.05 16.11
N GLY A 239 24.59 0.59 15.97
CA GLY A 239 23.53 1.40 15.41
C GLY A 239 23.34 1.15 13.92
N THR A 240 24.17 0.31 13.30
CA THR A 240 23.90 -0.07 11.91
C THR A 240 23.49 -1.53 11.75
N PHE A 241 23.05 -1.87 10.53
CA PHE A 241 22.54 -3.22 10.22
C PHE A 241 23.35 -3.94 9.16
N GLN A 242 23.15 -5.26 9.06
CA GLN A 242 23.82 -6.10 8.08
C GLN A 242 22.77 -7.04 7.50
N LYS A 243 23.04 -7.51 6.30
CA LYS A 243 22.21 -8.57 5.69
C LYS A 243 22.98 -9.25 4.59
N TRP A 244 22.66 -10.52 4.33
CA TRP A 244 23.22 -11.17 3.16
C TRP A 244 22.18 -12.04 2.45
N ALA A 245 22.45 -12.35 1.18
CA ALA A 245 21.64 -13.29 0.43
C ALA A 245 22.59 -14.16 -0.31
N ALA A 246 22.30 -15.44 -0.37
CA ALA A 246 23.23 -16.36 -1.06
C ALA A 246 22.52 -17.30 -2.03
N VAL A 247 23.23 -17.68 -3.10
CA VAL A 247 22.78 -18.75 -4.03
C VAL A 247 23.93 -19.73 -4.25
N VAL A 248 23.61 -20.98 -4.55
CA VAL A 248 24.67 -21.96 -4.89
C VAL A 248 24.52 -22.25 -6.34
N VAL A 249 25.58 -22.06 -7.12
CA VAL A 249 25.47 -21.99 -8.56
C VAL A 249 26.45 -22.97 -9.18
N PRO A 250 26.20 -23.45 -10.40
CA PRO A 250 27.23 -24.28 -11.04
C PRO A 250 28.49 -23.43 -11.41
N SER A 251 29.66 -23.96 -11.12
CA SER A 251 30.92 -23.27 -11.44
C SER A 251 30.99 -23.00 -12.93
N GLY A 252 31.35 -21.77 -13.29
CA GLY A 252 31.42 -21.44 -14.68
C GLY A 252 30.26 -20.53 -15.03
N GLN A 253 29.18 -20.53 -14.23
CA GLN A 253 28.03 -19.71 -14.58
C GLN A 253 27.93 -18.43 -13.74
N GLU A 254 29.00 -18.09 -13.01
CA GLU A 254 28.98 -16.88 -12.16
C GLU A 254 28.53 -15.61 -12.86
N GLN A 255 28.96 -15.43 -14.11
CA GLN A 255 28.73 -14.21 -14.87
C GLN A 255 27.28 -14.07 -15.24
N ARG A 256 26.48 -15.14 -15.10
CA ARG A 256 25.04 -15.00 -15.34
C ARG A 256 24.33 -14.39 -14.14
N TYR A 257 24.98 -14.38 -12.98
CA TYR A 257 24.28 -14.00 -11.75
C TYR A 257 24.65 -12.60 -11.29
N THR A 258 23.65 -11.82 -10.89
CA THR A 258 23.91 -10.45 -10.39
C THR A 258 23.16 -10.27 -9.09
N CYS A 259 23.69 -9.45 -8.19
CA CYS A 259 22.97 -9.15 -6.96
C CYS A 259 22.50 -7.70 -7.04
N HIS A 260 21.30 -7.42 -6.52
CA HIS A 260 20.65 -6.13 -6.69
C HIS A 260 20.31 -5.60 -5.29
N VAL A 261 20.73 -4.36 -4.98
CA VAL A 261 20.61 -3.84 -3.60
C VAL A 261 19.83 -2.55 -3.65
N GLN A 262 18.78 -2.48 -2.85
CA GLN A 262 17.96 -1.26 -2.82
C GLN A 262 18.00 -0.75 -1.38
N HIS A 263 18.28 0.54 -1.17
CA HIS A 263 18.29 1.12 0.18
C HIS A 263 18.12 2.60 0.04
N GLU A 264 17.41 3.24 0.98
CA GLU A 264 17.15 4.67 0.85
C GLU A 264 18.39 5.58 0.85
N GLY A 265 19.51 5.08 1.34
CA GLY A 265 20.77 5.77 1.32
C GLY A 265 21.56 5.72 0.05
N LEU A 266 21.13 4.87 -0.87
CA LEU A 266 21.75 4.79 -2.17
C LEU A 266 21.11 5.83 -3.10
N PRO A 267 21.93 6.59 -3.80
CA PRO A 267 21.38 7.48 -4.84
C PRO A 267 20.64 6.71 -5.97
N LYS A 268 21.14 5.52 -6.32
CA LYS A 268 20.52 4.58 -7.26
C LYS A 268 20.66 3.15 -6.71
N PRO A 269 19.71 2.23 -6.97
CA PRO A 269 19.94 0.82 -6.65
C PRO A 269 21.18 0.28 -7.37
N LEU A 270 21.91 -0.60 -6.70
CA LEU A 270 23.17 -1.07 -7.20
C LEU A 270 22.96 -2.41 -7.79
N THR A 271 23.69 -2.70 -8.84
CA THR A 271 23.77 -4.04 -9.36
C THR A 271 25.23 -4.46 -9.27
N LEU A 272 25.47 -5.55 -8.56
CA LEU A 272 26.83 -6.07 -8.39
C LEU A 272 27.00 -7.25 -9.32
N ARG A 273 28.17 -7.35 -9.95
CA ARG A 273 28.36 -8.36 -11.02
C ARG A 273 29.65 -9.14 -10.83
N TRP A 274 29.75 -10.31 -11.47
CA TRP A 274 30.98 -11.09 -11.42
C TRP A 274 31.88 -10.88 -12.64
N GLU A 275 31.67 -9.77 -13.35
CA GLU A 275 32.43 -9.45 -14.58
C GLU A 275 32.39 -7.94 -14.73
N MET B 1 -0.23 -24.67 21.43
CA MET B 1 0.27 -23.29 21.42
C MET B 1 1.27 -23.13 20.29
N ILE B 2 1.28 -21.93 19.72
CA ILE B 2 2.25 -21.53 18.75
C ILE B 2 3.64 -21.67 19.32
N GLN B 3 4.54 -22.21 18.50
CA GLN B 3 5.97 -22.20 18.82
C GLN B 3 6.69 -21.88 17.51
N ARG B 4 7.69 -21.04 17.60
CA ARG B 4 8.48 -20.68 16.41
C ARG B 4 9.93 -20.79 16.77
N THR B 5 10.71 -21.33 15.84
CA THR B 5 12.09 -21.70 16.13
C THR B 5 13.01 -20.50 15.99
N PRO B 6 14.00 -20.31 16.86
CA PRO B 6 14.96 -19.20 16.63
C PRO B 6 15.85 -19.41 15.37
N LYS B 7 16.05 -18.33 14.65
CA LYS B 7 16.99 -18.27 13.52
C LYS B 7 18.24 -17.67 14.14
N ILE B 8 19.37 -18.39 14.10
CA ILE B 8 20.52 -18.02 14.91
C ILE B 8 21.58 -17.58 13.94
N GLN B 9 22.19 -16.42 14.19
CA GLN B 9 23.29 -15.94 13.35
C GLN B 9 24.43 -15.51 14.27
N VAL B 10 25.62 -15.99 13.97
CA VAL B 10 26.82 -15.65 14.75
C VAL B 10 27.83 -14.95 13.87
N TYR B 11 28.28 -13.76 14.28
CA TYR B 11 29.02 -12.91 13.35
C TYR B 11 29.74 -11.80 14.13
N SER B 12 30.68 -11.14 13.47
CA SER B 12 31.36 -10.06 14.13
C SER B 12 30.80 -8.74 13.68
N ARG B 13 30.94 -7.73 14.54
CA ARG B 13 30.45 -6.39 14.16
C ARG B 13 31.18 -5.80 12.95
N HIS B 14 32.51 -5.91 12.94
CA HIS B 14 33.35 -5.43 11.87
C HIS B 14 34.03 -6.61 11.24
N PRO B 15 34.54 -6.49 10.01
CA PRO B 15 35.32 -7.57 9.40
C PRO B 15 36.46 -7.96 10.32
N ALA B 16 36.63 -9.25 10.58
CA ALA B 16 37.60 -9.72 11.56
C ALA B 16 39.01 -9.58 11.07
N GLU B 17 39.93 -9.22 11.96
CA GLU B 17 41.33 -9.09 11.62
C GLU B 17 42.02 -9.56 12.88
N ASN B 18 42.88 -10.58 12.78
CA ASN B 18 43.51 -11.16 13.96
C ASN B 18 44.27 -10.07 14.67
N GLY B 19 44.02 -9.92 15.97
CA GLY B 19 44.76 -8.99 16.79
C GLY B 19 44.07 -7.65 16.96
N LYS B 20 42.92 -7.48 16.31
CA LYS B 20 42.20 -6.21 16.39
C LYS B 20 40.91 -6.42 17.15
N SER B 21 40.65 -5.61 18.18
CA SER B 21 39.42 -5.84 18.96
C SER B 21 38.18 -5.54 18.14
N ASN B 22 37.09 -6.19 18.51
CA ASN B 22 35.91 -6.34 17.66
C ASN B 22 34.81 -6.72 18.62
N PHE B 23 33.60 -6.99 18.11
CA PHE B 23 32.54 -7.56 18.93
C PHE B 23 32.01 -8.79 18.28
N LEU B 24 31.74 -9.81 19.07
CA LEU B 24 31.16 -11.08 18.62
C LEU B 24 29.69 -11.05 18.96
N ASN B 25 28.84 -11.21 17.95
CA ASN B 25 27.38 -11.14 18.09
C ASN B 25 26.76 -12.47 17.88
N CYS B 26 25.76 -12.79 18.71
CA CYS B 26 24.83 -13.88 18.35
C CYS B 26 23.44 -13.28 18.30
N TYR B 27 22.81 -13.27 17.14
CA TYR B 27 21.50 -12.63 16.99
C TYR B 27 20.49 -13.78 16.85
N VAL B 28 19.47 -13.78 17.70
CA VAL B 28 18.48 -14.82 17.58
C VAL B 28 17.12 -14.16 17.28
N SER B 29 16.45 -14.58 16.21
CA SER B 29 15.24 -13.85 15.82
C SER B 29 14.13 -14.82 15.44
N GLY B 30 12.89 -14.36 15.42
CA GLY B 30 11.85 -15.21 14.85
C GLY B 30 11.30 -16.27 15.81
N PHE B 31 11.59 -16.17 17.10
CA PHE B 31 11.20 -17.22 18.01
C PHE B 31 9.95 -16.90 18.83
N HIS B 32 9.31 -17.97 19.32
CA HIS B 32 8.15 -17.84 20.22
C HIS B 32 8.01 -19.20 20.91
N PRO B 33 7.82 -19.27 22.23
CA PRO B 33 7.73 -18.16 23.18
C PRO B 33 9.09 -17.52 23.54
N SER B 34 9.08 -16.58 24.49
CA SER B 34 10.28 -15.78 24.68
C SER B 34 11.40 -16.39 25.47
N ASP B 35 11.10 -17.45 26.22
CA ASP B 35 12.08 -18.10 27.08
C ASP B 35 13.12 -18.75 26.20
N ILE B 36 14.39 -18.40 26.41
CA ILE B 36 15.48 -18.83 25.48
C ILE B 36 16.81 -18.77 26.26
N GLU B 37 17.71 -19.72 26.00
CA GLU B 37 19.01 -19.73 26.61
C GLU B 37 20.02 -19.51 25.51
N VAL B 38 20.89 -18.52 25.64
CA VAL B 38 21.84 -18.22 24.55
C VAL B 38 23.20 -18.06 25.23
N ASP B 39 24.23 -18.81 24.81
CA ASP B 39 25.58 -18.58 25.33
C ASP B 39 26.54 -18.40 24.21
N LEU B 40 27.54 -17.51 24.39
CA LEU B 40 28.61 -17.42 23.41
C LEU B 40 29.68 -18.34 23.91
N LEU B 41 30.32 -19.07 22.99
CA LEU B 41 31.35 -20.03 23.40
C LEU B 41 32.71 -19.65 22.81
N LYS B 42 33.77 -19.83 23.58
CA LYS B 42 35.13 -19.64 23.08
C LYS B 42 35.83 -20.98 23.38
N ASN B 43 36.30 -21.63 22.30
CA ASN B 43 36.88 -22.96 22.34
C ASN B 43 36.04 -23.96 23.11
N GLY B 44 34.73 -23.88 22.88
CA GLY B 44 33.72 -24.72 23.48
C GLY B 44 33.32 -24.36 24.89
N GLU B 45 33.89 -23.30 25.48
CA GLU B 45 33.52 -22.90 26.84
C GLU B 45 32.70 -21.64 26.90
N ARG B 46 31.78 -21.56 27.86
CA ARG B 46 30.95 -20.36 28.01
C ARG B 46 31.77 -19.11 28.34
N ILE B 47 31.53 -18.05 27.55
CA ILE B 47 32.08 -16.71 27.82
C ILE B 47 31.22 -16.04 28.90
N GLU B 48 31.88 -15.49 29.90
CA GLU B 48 31.19 -14.88 31.04
C GLU B 48 30.70 -13.45 30.83
N LYS B 49 31.42 -12.68 30.03
CA LYS B 49 31.19 -11.24 30.08
C LYS B 49 30.08 -10.77 29.10
N VAL B 50 29.00 -11.55 28.96
CA VAL B 50 28.15 -11.42 27.76
C VAL B 50 26.95 -10.50 28.03
N GLU B 51 26.71 -9.51 27.18
CA GLU B 51 25.56 -8.65 27.36
C GLU B 51 24.47 -8.98 26.36
N HIS B 52 23.26 -8.54 26.63
CA HIS B 52 22.22 -8.75 25.65
C HIS B 52 21.28 -7.57 25.55
N SER B 53 20.59 -7.47 24.43
CA SER B 53 19.62 -6.39 24.20
C SER B 53 18.35 -6.65 24.99
N ASP B 54 17.50 -5.65 25.05
CA ASP B 54 16.22 -5.77 25.71
C ASP B 54 15.23 -6.48 24.79
N LEU B 55 14.45 -7.39 25.37
CA LEU B 55 13.50 -8.22 24.60
C LEU B 55 12.52 -7.36 23.80
N SER B 56 12.48 -7.58 22.49
CA SER B 56 11.53 -6.87 21.63
C SER B 56 11.01 -7.89 20.62
N PHE B 57 10.13 -7.44 19.75
CA PHE B 57 9.54 -8.36 18.79
C PHE B 57 9.16 -7.68 17.48
N SER B 58 8.93 -8.50 16.47
CA SER B 58 8.67 -8.02 15.12
C SER B 58 7.21 -7.86 14.85
N LYS B 59 6.90 -7.43 13.62
CA LYS B 59 5.54 -7.22 13.19
C LYS B 59 4.69 -8.49 13.28
N ASP B 60 5.32 -9.65 13.16
CA ASP B 60 4.58 -10.92 13.28
C ASP B 60 4.53 -11.54 14.68
N TRP B 61 4.97 -10.75 15.66
CA TRP B 61 4.98 -11.03 17.10
C TRP B 61 6.15 -11.84 17.53
N SER B 62 7.03 -12.26 16.60
CA SER B 62 8.10 -13.15 17.03
C SER B 62 9.24 -12.31 17.64
N PHE B 63 9.93 -12.88 18.60
CA PHE B 63 10.89 -12.15 19.45
C PHE B 63 12.25 -12.11 18.79
N TYR B 64 13.07 -11.15 19.24
CA TYR B 64 14.45 -11.13 18.77
C TYR B 64 15.31 -10.60 19.90
N LEU B 65 16.55 -11.09 19.96
CA LEU B 65 17.53 -10.66 20.97
C LEU B 65 18.93 -10.70 20.35
N LEU B 66 19.75 -9.74 20.77
CA LEU B 66 21.16 -9.76 20.38
C LEU B 66 22.01 -10.05 21.62
N TYR B 67 22.92 -11.06 21.58
CA TYR B 67 23.89 -11.34 22.65
C TYR B 67 25.25 -10.93 22.06
N TYR B 68 26.11 -10.29 22.86
CA TYR B 68 27.35 -9.73 22.31
C TYR B 68 28.42 -9.57 23.40
N THR B 69 29.69 -9.63 22.98
CA THR B 69 30.80 -9.45 23.86
C THR B 69 31.95 -8.94 23.02
N GLU B 70 32.80 -8.13 23.65
CA GLU B 70 33.98 -7.58 22.97
C GLU B 70 34.93 -8.75 22.91
N PHE B 71 35.68 -8.89 21.81
CA PHE B 71 36.66 -9.98 21.65
C PHE B 71 37.75 -9.59 20.64
N THR B 72 38.89 -10.28 20.70
CA THR B 72 39.99 -10.00 19.77
C THR B 72 40.26 -11.34 19.09
N PRO B 73 39.85 -11.50 17.83
CA PRO B 73 40.04 -12.77 17.10
C PRO B 73 41.51 -13.13 16.93
N THR B 74 41.79 -14.43 16.91
CA THR B 74 43.13 -14.95 16.62
C THR B 74 42.94 -16.07 15.60
N GLU B 75 44.05 -16.61 15.15
CA GLU B 75 44.08 -17.75 14.27
C GLU B 75 43.41 -18.99 14.87
N LYS B 76 43.82 -19.31 16.09
CA LYS B 76 43.44 -20.57 16.71
C LYS B 76 42.09 -20.57 17.46
N ASP B 77 41.59 -19.42 17.90
CA ASP B 77 40.41 -19.47 18.78
C ASP B 77 39.16 -19.64 17.97
N GLU B 78 38.29 -20.53 18.46
CA GLU B 78 37.07 -20.88 17.80
C GLU B 78 35.90 -20.34 18.60
N TYR B 79 34.95 -19.72 17.90
CA TYR B 79 33.83 -19.07 18.56
C TYR B 79 32.53 -19.68 18.09
N ALA B 80 31.50 -19.64 18.96
CA ALA B 80 30.20 -20.18 18.55
C ALA B 80 29.15 -19.62 19.45
N CYS B 81 27.93 -19.91 19.07
CA CYS B 81 26.80 -19.55 19.92
C CYS B 81 25.96 -20.80 20.17
N ARG B 82 25.56 -21.04 21.41
CA ARG B 82 24.78 -22.22 21.79
C ARG B 82 23.41 -21.77 22.22
N VAL B 83 22.36 -22.34 21.64
CA VAL B 83 21.00 -21.82 21.89
C VAL B 83 20.09 -22.97 22.28
N ASN B 84 19.32 -22.83 23.35
CA ASN B 84 18.27 -23.82 23.68
C ASN B 84 16.93 -23.05 23.76
N HIS B 85 15.87 -23.73 23.33
CA HIS B 85 14.52 -23.12 23.19
C HIS B 85 13.57 -24.32 23.11
N VAL B 86 12.29 -24.15 23.44
CA VAL B 86 11.38 -25.30 23.45
C VAL B 86 11.30 -25.98 22.06
N THR B 87 11.51 -25.22 20.97
CA THR B 87 11.41 -25.82 19.62
C THR B 87 12.60 -26.70 19.26
N LEU B 88 13.69 -26.62 20.03
CA LEU B 88 14.90 -27.41 19.77
C LEU B 88 14.99 -28.61 20.69
N SER B 89 15.17 -29.81 20.12
CA SER B 89 15.18 -30.98 20.96
C SER B 89 16.46 -31.10 21.80
N GLN B 90 17.52 -30.43 21.37
CA GLN B 90 18.76 -30.37 22.14
C GLN B 90 19.32 -28.99 21.82
N PRO B 91 20.20 -28.43 22.66
CA PRO B 91 20.83 -27.15 22.30
C PRO B 91 21.58 -27.21 20.96
N LYS B 92 21.50 -26.12 20.21
CA LYS B 92 22.02 -26.05 18.87
C LYS B 92 23.23 -25.16 18.93
N ILE B 93 24.31 -25.61 18.30
CA ILE B 93 25.53 -24.81 18.29
C ILE B 93 25.82 -24.36 16.86
N VAL B 94 25.91 -23.05 16.65
CA VAL B 94 26.27 -22.51 15.34
C VAL B 94 27.69 -21.92 15.49
N LYS B 95 28.62 -22.37 14.65
CA LYS B 95 30.00 -21.91 14.74
C LYS B 95 30.19 -20.58 14.00
N TRP B 96 31.06 -19.71 14.52
CA TRP B 96 31.44 -18.48 13.81
C TRP B 96 32.31 -18.82 12.61
N ASP B 97 31.92 -18.35 11.41
CA ASP B 97 32.70 -18.64 10.21
C ASP B 97 33.05 -17.27 9.67
N ARG B 98 34.31 -16.90 9.75
CA ARG B 98 34.70 -15.56 9.34
C ARG B 98 34.90 -15.36 7.83
N ASP B 99 34.75 -16.42 7.04
CA ASP B 99 35.05 -16.36 5.61
C ASP B 99 33.76 -16.41 4.77
N MET B 100 32.65 -15.98 5.35
CA MET B 100 31.38 -15.91 4.63
C MET B 100 31.31 -14.64 3.72
N ILE C 1 6.77 9.56 24.13
CA ILE C 1 6.16 9.10 25.44
C ILE C 1 5.06 8.08 25.22
N THR C 2 4.86 7.25 26.25
CA THR C 2 3.79 6.28 26.22
C THR C 2 2.41 6.88 26.37
N ASP C 3 1.44 6.04 26.04
CA ASP C 3 0.05 6.37 26.25
C ASP C 3 -0.25 6.15 27.73
N GLN C 4 -1.45 6.54 28.14
CA GLN C 4 -1.88 6.34 29.52
C GLN C 4 -2.19 4.87 29.72
N VAL C 5 -2.39 4.47 30.97
CA VAL C 5 -2.78 3.09 31.33
C VAL C 5 -3.83 2.48 30.40
N PRO C 6 -3.45 1.34 29.85
CA PRO C 6 -4.32 0.55 28.96
C PRO C 6 -5.51 -0.02 29.75
N PHE C 7 -6.62 -0.14 29.07
CA PHE C 7 -7.83 -0.74 29.63
C PHE C 7 -7.58 -2.23 29.56
N SER C 8 -8.01 -2.94 30.59
CA SER C 8 -7.85 -4.38 30.63
C SER C 8 -8.70 -5.11 29.57
N VAL C 9 -8.21 -6.26 29.13
CA VAL C 9 -8.96 -7.09 28.15
C VAL C 9 -10.21 -7.80 28.74
N GLY D 1 -7.95 0.80 3.54
CA GLY D 1 -7.21 -0.25 2.78
C GLY D 1 -6.25 0.31 1.76
N SER D 2 -6.18 -0.28 0.57
CA SER D 2 -5.27 0.14 -0.51
C SER D 2 -5.69 1.40 -1.25
N HIS D 3 -4.71 2.06 -1.88
CA HIS D 3 -4.98 3.30 -2.60
C HIS D 3 -4.15 3.36 -3.87
N SER D 4 -4.56 4.18 -4.82
CA SER D 4 -3.84 4.33 -6.06
C SER D 4 -3.77 5.79 -6.46
N MET D 5 -2.71 6.17 -7.16
CA MET D 5 -2.67 7.42 -7.87
C MET D 5 -2.43 7.13 -9.34
N ARG D 6 -3.16 7.78 -10.22
CA ARG D 6 -3.06 7.50 -11.65
C ARG D 6 -3.12 8.81 -12.43
N TYR D 7 -2.27 8.94 -13.46
CA TYR D 7 -2.37 10.05 -14.40
C TYR D 7 -2.69 9.46 -15.76
N PHE D 8 -3.56 10.16 -16.50
CA PHE D 8 -4.03 9.70 -17.80
C PHE D 8 -3.78 10.82 -18.82
N PHE D 9 -3.22 10.49 -19.97
CA PHE D 9 -2.86 11.54 -20.93
C PHE D 9 -3.38 11.11 -22.26
N THR D 10 -3.98 12.03 -23.02
CA THR D 10 -4.54 11.67 -24.29
C THR D 10 -4.07 12.71 -25.26
N SER D 11 -3.46 12.29 -26.39
CA SER D 11 -3.22 13.26 -27.45
C SER D 11 -3.83 12.81 -28.76
N VAL D 12 -4.44 13.73 -29.48
CA VAL D 12 -5.16 13.34 -30.68
C VAL D 12 -4.68 14.23 -31.83
N SER D 13 -4.16 13.68 -32.92
CA SER D 13 -3.84 14.58 -34.03
C SER D 13 -5.04 15.03 -34.82
N ARG D 14 -4.92 16.23 -35.38
CA ARG D 14 -6.00 16.77 -36.16
C ARG D 14 -5.45 17.58 -37.33
N PRO D 15 -4.94 16.86 -38.32
CA PRO D 15 -4.19 17.49 -39.42
C PRO D 15 -4.97 18.61 -40.12
N GLY D 16 -4.41 19.81 -39.98
CA GLY D 16 -5.02 21.02 -40.54
C GLY D 16 -6.01 21.72 -39.62
N ARG D 17 -6.26 21.16 -38.45
CA ARG D 17 -7.24 21.72 -37.54
C ARG D 17 -6.57 22.15 -36.26
N GLY D 18 -5.24 22.21 -36.25
CA GLY D 18 -4.56 22.70 -35.08
C GLY D 18 -3.42 21.79 -34.70
N GLU D 19 -2.64 22.19 -33.74
CA GLU D 19 -1.71 21.25 -33.11
C GLU D 19 -2.56 20.15 -32.41
N PRO D 20 -1.99 18.97 -32.12
CA PRO D 20 -2.77 17.91 -31.46
C PRO D 20 -3.44 18.33 -30.16
N ARG D 21 -4.66 17.84 -29.96
CA ARG D 21 -5.38 18.10 -28.74
C ARG D 21 -4.65 17.31 -27.66
N PHE D 22 -4.42 17.89 -26.48
CA PHE D 22 -3.78 17.13 -25.43
C PHE D 22 -4.59 17.36 -24.16
N ILE D 23 -4.94 16.28 -23.44
CA ILE D 23 -5.72 16.41 -22.19
C ILE D 23 -5.09 15.48 -21.16
N ALA D 24 -4.76 15.99 -19.96
CA ALA D 24 -4.15 15.19 -18.91
C ALA D 24 -5.05 15.31 -17.71
N VAL D 25 -5.28 14.21 -17.01
CA VAL D 25 -5.99 14.18 -15.74
C VAL D 25 -5.28 13.31 -14.74
N GLY D 26 -5.42 13.69 -13.47
CA GLY D 26 -4.85 12.90 -12.38
C GLY D 26 -5.94 12.48 -11.37
N TYR D 27 -5.81 11.28 -10.82
CA TYR D 27 -6.81 10.74 -9.90
C TYR D 27 -6.10 10.18 -8.71
N VAL D 28 -6.73 10.27 -7.54
CA VAL D 28 -6.34 9.43 -6.43
C VAL D 28 -7.56 8.55 -6.22
N ASP D 29 -7.38 7.22 -6.30
CA ASP D 29 -8.50 6.27 -6.29
C ASP D 29 -9.52 6.72 -7.36
N ASP D 30 -10.78 6.93 -6.97
CA ASP D 30 -11.76 7.33 -7.98
C ASP D 30 -12.08 8.79 -7.89
N THR D 31 -11.16 9.59 -7.37
CA THR D 31 -11.42 11.02 -7.24
C THR D 31 -10.46 11.83 -8.08
N GLN D 32 -10.98 12.64 -8.99
CA GLN D 32 -10.06 13.43 -9.83
C GLN D 32 -9.49 14.60 -9.02
N PHE D 33 -8.25 14.98 -9.26
CA PHE D 33 -7.74 16.17 -8.57
C PHE D 33 -7.04 17.23 -9.42
N VAL D 34 -6.58 16.88 -10.62
CA VAL D 34 -5.96 17.85 -11.52
C VAL D 34 -6.36 17.64 -12.99
N ARG D 35 -6.32 18.69 -13.76
CA ARG D 35 -6.49 18.56 -15.20
C ARG D 35 -5.57 19.54 -15.90
N PHE D 36 -5.23 19.21 -17.14
CA PHE D 36 -4.68 20.18 -18.09
C PHE D 36 -5.38 19.93 -19.39
N ASP D 37 -5.81 21.01 -20.04
CA ASP D 37 -6.43 20.89 -21.37
C ASP D 37 -5.77 21.85 -22.34
N SER D 38 -5.22 21.33 -23.44
CA SER D 38 -4.48 22.16 -24.45
C SER D 38 -5.35 23.21 -25.19
N ASP D 39 -6.66 22.98 -25.26
CA ASP D 39 -7.49 23.98 -25.88
C ASP D 39 -8.09 24.97 -24.87
N ALA D 40 -7.82 24.83 -23.58
CA ALA D 40 -8.40 25.77 -22.62
C ALA D 40 -7.55 27.04 -22.56
N ALA D 41 -8.13 28.06 -21.92
CA ALA D 41 -7.53 29.40 -21.97
C ALA D 41 -6.30 29.56 -21.10
N SER D 42 -6.30 28.87 -19.97
CA SER D 42 -5.33 29.12 -18.90
C SER D 42 -3.92 28.66 -19.26
N GLN D 43 -3.85 27.58 -20.04
CA GLN D 43 -2.59 26.88 -20.31
C GLN D 43 -1.84 26.52 -18.99
N ARG D 44 -2.59 26.11 -17.98
CA ARG D 44 -2.05 25.78 -16.67
C ARG D 44 -2.57 24.41 -16.25
N MET D 45 -1.79 23.66 -15.46
CA MET D 45 -2.36 22.52 -14.70
C MET D 45 -3.32 23.15 -13.66
N GLU D 46 -4.54 22.61 -13.48
CA GLU D 46 -5.57 23.33 -12.70
C GLU D 46 -6.07 22.36 -11.64
N PRO D 47 -6.47 22.87 -10.48
CA PRO D 47 -7.03 22.00 -9.45
C PRO D 47 -8.44 21.53 -9.81
N ARG D 48 -8.75 20.28 -9.47
CA ARG D 48 -10.10 19.73 -9.64
C ARG D 48 -10.60 19.03 -8.40
N ALA D 49 -9.95 19.25 -7.26
CA ALA D 49 -10.44 18.76 -5.98
C ALA D 49 -10.10 19.82 -4.99
N PRO D 50 -10.96 20.10 -4.02
CA PRO D 50 -10.66 21.14 -3.01
C PRO D 50 -9.35 20.94 -2.25
N TRP D 51 -8.95 19.70 -2.04
CA TRP D 51 -7.83 19.41 -1.18
C TRP D 51 -6.45 19.56 -1.83
N ILE D 52 -6.42 19.73 -3.14
CA ILE D 52 -5.16 20.00 -3.84
C ILE D 52 -4.98 21.52 -3.94
N GLU D 53 -6.05 22.30 -3.70
CA GLU D 53 -5.98 23.78 -3.89
C GLU D 53 -4.94 24.48 -3.01
N GLN D 54 -4.66 23.89 -1.85
CA GLN D 54 -3.66 24.40 -0.92
C GLN D 54 -2.18 24.33 -1.36
N GLU D 55 -1.90 23.57 -2.42
CA GLU D 55 -0.56 23.47 -2.95
C GLU D 55 -0.09 24.85 -3.42
N GLY D 56 1.18 25.14 -3.15
CA GLY D 56 1.71 26.45 -3.43
C GLY D 56 2.08 26.72 -4.88
N PRO D 57 2.53 27.93 -5.18
CA PRO D 57 2.83 28.33 -6.57
C PRO D 57 3.87 27.47 -7.27
N GLU D 58 4.89 27.01 -6.53
CA GLU D 58 5.94 26.14 -7.06
C GLU D 58 5.34 24.82 -7.60
N TYR D 59 4.31 24.34 -6.89
CA TYR D 59 3.59 23.16 -7.33
C TYR D 59 2.91 23.43 -8.65
N TRP D 60 2.06 24.45 -8.70
CA TRP D 60 1.33 24.76 -9.94
C TRP D 60 2.24 25.12 -11.12
N ASP D 61 3.27 25.91 -10.87
CA ASP D 61 4.23 26.24 -11.91
C ASP D 61 4.96 24.98 -12.41
N GLY D 62 5.41 24.14 -11.47
CA GLY D 62 6.18 22.95 -11.82
C GLY D 62 5.34 21.91 -12.56
N GLU D 63 4.10 21.73 -12.12
CA GLU D 63 3.20 20.79 -12.78
C GLU D 63 2.78 21.30 -14.13
N THR D 64 2.64 22.61 -14.29
CA THR D 64 2.35 23.20 -15.62
C THR D 64 3.50 22.95 -16.61
N ARG D 65 4.74 23.27 -16.18
CA ARG D 65 5.95 23.03 -16.98
C ARG D 65 6.06 21.55 -17.42
N LYS D 66 5.91 20.62 -16.48
CA LYS D 66 6.07 19.17 -16.77
C LYS D 66 4.98 18.63 -17.67
N VAL D 67 3.74 19.04 -17.41
CA VAL D 67 2.65 18.52 -18.26
C VAL D 67 2.73 19.06 -19.70
N LYS D 68 3.15 20.32 -19.88
CA LYS D 68 3.36 20.88 -21.22
C LYS D 68 4.48 20.09 -21.86
N ALA D 69 5.46 19.69 -21.06
CA ALA D 69 6.55 18.85 -21.61
C ALA D 69 6.06 17.46 -22.00
N HIS D 70 5.14 16.87 -21.25
CA HIS D 70 4.47 15.62 -21.67
C HIS D 70 3.74 15.84 -23.01
N SER D 71 3.09 16.99 -23.15
CA SER D 71 2.34 17.28 -24.39
C SER D 71 3.28 17.31 -25.60
N GLN D 72 4.42 17.97 -25.40
CA GLN D 72 5.43 18.06 -26.48
C GLN D 72 6.01 16.67 -26.85
N THR D 73 6.28 15.80 -25.88
CA THR D 73 6.70 14.44 -26.21
C THR D 73 5.64 13.72 -27.10
N HIS D 74 4.37 13.87 -26.75
CA HIS D 74 3.30 13.19 -27.50
C HIS D 74 3.18 13.78 -28.88
N ARG D 75 3.48 15.07 -29.06
CA ARG D 75 3.49 15.65 -30.40
C ARG D 75 4.56 15.03 -31.29
N VAL D 76 5.73 14.89 -30.74
CA VAL D 76 6.81 14.14 -31.44
C VAL D 76 6.39 12.70 -31.71
N ASP D 77 5.82 12.02 -30.70
CA ASP D 77 5.41 10.63 -30.84
C ASP D 77 4.39 10.43 -32.00
N LEU D 78 3.42 11.32 -32.12
CA LEU D 78 2.45 11.19 -33.20
C LEU D 78 3.13 11.17 -34.58
N GLY D 79 4.17 11.99 -34.76
CA GLY D 79 4.93 11.95 -36.00
C GLY D 79 5.76 10.66 -36.11
N THR D 80 6.40 10.26 -35.02
CA THR D 80 7.18 9.04 -35.03
C THR D 80 6.35 7.82 -35.35
N LEU D 81 5.18 7.71 -34.73
CA LEU D 81 4.34 6.53 -34.99
C LEU D 81 3.76 6.49 -36.38
N ARG D 82 3.52 7.67 -36.99
CA ARG D 82 3.04 7.70 -38.38
C ARG D 82 4.11 7.06 -39.25
N GLY D 83 5.38 7.31 -38.90
CA GLY D 83 6.55 6.79 -39.61
C GLY D 83 6.66 5.30 -39.35
N TYR D 84 6.51 4.88 -38.10
CA TYR D 84 6.63 3.43 -37.82
C TYR D 84 5.57 2.61 -38.58
N TYR D 85 4.36 3.15 -38.70
CA TYR D 85 3.28 2.40 -39.30
C TYR D 85 3.01 2.82 -40.71
N ASN D 86 3.90 3.61 -41.31
CA ASN D 86 3.73 4.08 -42.71
C ASN D 86 2.33 4.65 -42.99
N GLN D 87 1.85 5.54 -42.11
CA GLN D 87 0.49 6.07 -42.26
C GLN D 87 0.52 7.50 -42.83
N SER D 88 -0.54 7.91 -43.48
CA SER D 88 -0.53 9.21 -44.16
C SER D 88 -0.62 10.39 -43.19
N GLU D 89 -0.32 11.56 -43.74
CA GLU D 89 -0.46 12.84 -43.06
C GLU D 89 -1.91 13.17 -42.69
N ALA D 90 -2.86 12.70 -43.49
CA ALA D 90 -4.23 13.18 -43.47
C ALA D 90 -5.06 12.67 -42.28
N GLY D 91 -4.74 11.48 -41.76
CA GLY D 91 -5.59 10.92 -40.73
C GLY D 91 -5.35 11.38 -39.31
N SER D 92 -6.42 11.33 -38.49
CA SER D 92 -6.31 11.57 -37.07
C SER D 92 -5.92 10.31 -36.32
N HIS D 93 -4.92 10.39 -35.41
CA HIS D 93 -4.49 9.27 -34.60
C HIS D 93 -4.49 9.62 -33.15
N THR D 94 -4.52 8.60 -32.31
CA THR D 94 -4.57 8.81 -30.84
C THR D 94 -3.41 8.14 -30.10
N VAL D 95 -2.76 8.87 -29.20
CA VAL D 95 -1.82 8.29 -28.25
C VAL D 95 -2.40 8.48 -26.85
N GLN D 96 -2.31 7.43 -26.07
CA GLN D 96 -2.74 7.45 -24.65
C GLN D 96 -1.63 6.90 -23.79
N ARG D 97 -1.42 7.50 -22.64
CA ARG D 97 -0.43 6.99 -21.71
C ARG D 97 -1.10 7.01 -20.36
N MET D 98 -0.87 5.99 -19.54
CA MET D 98 -1.36 5.99 -18.17
C MET D 98 -0.25 5.56 -17.31
N TYR D 99 -0.06 6.23 -16.16
CA TYR D 99 0.90 5.69 -15.23
C TYR D 99 0.51 5.93 -13.78
N GLY D 100 1.15 5.21 -12.88
CA GLY D 100 0.95 5.47 -11.46
C GLY D 100 1.25 4.33 -10.54
N CYS D 101 0.81 4.44 -9.28
CA CYS D 101 1.24 3.47 -8.28
C CYS D 101 0.06 3.08 -7.41
N ASP D 102 0.14 1.88 -6.84
CA ASP D 102 -0.76 1.32 -5.84
C ASP D 102 0.05 1.19 -4.58
N VAL D 103 -0.54 1.55 -3.44
CA VAL D 103 -0.04 1.15 -2.12
C VAL D 103 -1.01 0.25 -1.38
N GLY D 104 -0.49 -0.60 -0.47
CA GLY D 104 -1.34 -1.52 0.28
C GLY D 104 -1.86 -0.90 1.56
N SER D 105 -2.23 -1.73 2.55
CA SER D 105 -2.85 -1.21 3.77
C SER D 105 -1.82 -0.53 4.68
N ASP D 106 -0.56 -0.96 4.53
CA ASP D 106 0.54 -0.36 5.26
C ASP D 106 1.01 0.98 4.66
N TRP D 107 0.35 1.35 3.54
CA TRP D 107 0.62 2.53 2.72
C TRP D 107 2.03 2.49 2.10
N ARG D 108 2.57 1.28 1.91
CA ARG D 108 3.88 1.07 1.28
C ARG D 108 3.59 0.66 -0.14
N PHE D 109 4.56 0.85 -1.04
CA PHE D 109 4.45 0.34 -2.41
C PHE D 109 3.96 -1.10 -2.61
N LEU D 110 2.95 -1.24 -3.46
CA LEU D 110 2.45 -2.55 -3.87
C LEU D 110 2.80 -2.85 -5.33
N ARG D 111 2.48 -1.92 -6.25
CA ARG D 111 2.58 -2.15 -7.67
C ARG D 111 2.73 -0.79 -8.41
N GLY D 112 3.47 -0.78 -9.52
CA GLY D 112 3.56 0.42 -10.33
C GLY D 112 3.22 0.07 -11.78
N TYR D 113 2.86 1.10 -12.56
CA TYR D 113 2.48 0.87 -13.98
C TYR D 113 2.79 2.06 -14.85
N HIS D 114 3.09 1.79 -16.12
CA HIS D 114 3.33 2.84 -17.08
C HIS D 114 3.10 2.15 -18.39
N GLN D 115 2.02 2.54 -19.07
CA GLN D 115 1.62 1.89 -20.33
C GLN D 115 1.09 2.89 -21.33
N TYR D 116 1.19 2.49 -22.59
CA TYR D 116 0.99 3.39 -23.69
C TYR D 116 0.14 2.67 -24.71
N ALA D 117 -0.77 3.39 -25.36
CA ALA D 117 -1.56 2.84 -26.48
C ALA D 117 -1.50 3.73 -27.69
N TYR D 118 -1.59 3.13 -28.88
CA TYR D 118 -1.69 3.90 -30.13
C TYR D 118 -2.95 3.45 -30.84
N ASP D 119 -3.82 4.40 -31.16
CA ASP D 119 -5.12 4.13 -31.81
C ASP D 119 -5.93 3.05 -31.10
N GLY D 120 -5.89 3.12 -29.77
CA GLY D 120 -6.78 2.33 -28.92
C GLY D 120 -6.30 0.91 -28.68
N LYS D 121 -5.09 0.60 -29.11
CA LYS D 121 -4.53 -0.76 -28.94
C LYS D 121 -3.29 -0.62 -28.07
N ASP D 122 -3.03 -1.58 -27.18
CA ASP D 122 -1.75 -1.66 -26.45
C ASP D 122 -0.59 -1.47 -27.41
N TYR D 123 0.34 -0.60 -27.00
CA TYR D 123 1.53 -0.31 -27.77
C TYR D 123 2.74 -0.87 -26.95
N ILE D 124 3.04 -0.25 -25.81
CA ILE D 124 4.12 -0.74 -24.97
C ILE D 124 3.76 -0.53 -23.51
N ALA D 125 4.14 -1.48 -22.64
CA ALA D 125 3.79 -1.43 -21.21
C ALA D 125 4.94 -1.92 -20.36
N LEU D 126 5.22 -1.18 -19.31
CA LEU D 126 6.18 -1.68 -18.32
C LEU D 126 5.59 -2.87 -17.62
N LYS D 127 6.39 -3.93 -17.45
CA LYS D 127 5.89 -5.14 -16.77
C LYS D 127 5.92 -4.92 -15.28
N GLU D 128 5.31 -5.84 -14.54
CA GLU D 128 5.11 -5.68 -13.12
C GLU D 128 6.45 -5.57 -12.34
N ASP D 129 7.48 -6.20 -12.90
CA ASP D 129 8.81 -6.17 -12.29
C ASP D 129 9.52 -4.83 -12.38
N LEU D 130 8.90 -3.94 -13.20
CA LEU D 130 9.36 -2.56 -13.45
C LEU D 130 10.77 -2.52 -14.08
N ARG D 131 11.14 -3.57 -14.79
CA ARG D 131 12.46 -3.57 -15.43
C ARG D 131 12.43 -4.23 -16.77
N SER D 132 11.24 -4.54 -17.26
CA SER D 132 11.12 -5.15 -18.59
C SER D 132 9.85 -4.65 -19.25
N TRP D 133 9.78 -4.79 -20.56
CA TRP D 133 8.72 -4.20 -21.38
C TRP D 133 7.87 -5.25 -22.14
N THR D 134 6.58 -4.98 -22.24
CA THR D 134 5.72 -5.78 -23.10
C THR D 134 5.44 -4.97 -24.35
N ALA D 135 5.89 -5.45 -25.53
CA ALA D 135 5.78 -4.67 -26.76
C ALA D 135 5.38 -5.70 -27.82
N ALA D 136 4.10 -5.89 -28.04
CA ALA D 136 3.65 -6.88 -29.04
C ALA D 136 4.04 -6.54 -30.46
N ASP D 137 3.72 -5.34 -30.95
CA ASP D 137 3.93 -5.33 -32.38
C ASP D 137 5.36 -4.94 -32.73
N MET D 138 5.71 -5.06 -33.98
CA MET D 138 7.11 -4.87 -34.33
C MET D 138 7.50 -3.42 -34.15
N ALA D 139 6.56 -2.52 -34.36
CA ALA D 139 6.91 -1.11 -34.13
C ALA D 139 7.22 -0.83 -32.69
N ALA D 140 6.42 -1.38 -31.80
CA ALA D 140 6.69 -1.24 -30.38
C ALA D 140 8.00 -1.87 -29.95
N GLN D 141 8.47 -2.91 -30.65
CA GLN D 141 9.77 -3.46 -30.40
C GLN D 141 10.90 -2.42 -30.75
N THR D 142 10.68 -1.61 -31.78
CA THR D 142 11.62 -0.52 -32.08
C THR D 142 11.71 0.40 -30.89
N THR D 143 10.54 0.78 -30.38
CA THR D 143 10.54 1.64 -29.18
C THR D 143 11.19 0.94 -27.99
N LYS D 144 10.87 -0.32 -27.83
CA LYS D 144 11.55 -1.09 -26.78
C LYS D 144 13.09 -1.08 -26.83
N HIS D 145 13.66 -1.25 -28.03
CA HIS D 145 15.11 -1.23 -28.17
C HIS D 145 15.67 0.15 -27.77
N LYS D 146 14.94 1.20 -28.14
CA LYS D 146 15.39 2.58 -27.84
C LYS D 146 15.29 2.86 -26.34
N TRP D 147 14.22 2.34 -25.72
CA TRP D 147 14.05 2.56 -24.31
C TRP D 147 14.97 1.70 -23.44
N GLU D 148 15.34 0.53 -23.96
CA GLU D 148 16.30 -0.28 -23.26
C GLU D 148 17.69 0.38 -23.33
N ALA D 149 18.10 0.88 -24.51
CA ALA D 149 19.41 1.52 -24.59
C ALA D 149 19.48 2.86 -23.80
N ALA D 150 18.36 3.57 -23.70
CA ALA D 150 18.26 4.80 -22.88
C ALA D 150 18.03 4.56 -21.34
N HIS D 151 17.92 3.29 -20.95
CA HIS D 151 17.61 2.94 -19.54
C HIS D 151 16.37 3.61 -18.97
N VAL D 152 15.33 3.62 -19.80
CA VAL D 152 14.09 4.31 -19.46
C VAL D 152 13.43 3.64 -18.25
N ALA D 153 13.44 2.32 -18.22
CA ALA D 153 12.74 1.62 -17.12
C ALA D 153 13.28 1.94 -15.73
N GLU D 154 14.59 2.12 -15.61
CA GLU D 154 15.13 2.40 -14.27
C GLU D 154 14.63 3.72 -13.70
N GLN D 155 14.54 4.71 -14.59
CA GLN D 155 14.09 6.05 -14.27
C GLN D 155 12.62 6.04 -13.88
N LEU D 156 11.81 5.27 -14.62
CA LEU D 156 10.39 5.14 -14.26
C LEU D 156 10.23 4.41 -12.94
N ARG D 157 10.98 3.34 -12.74
CA ARG D 157 10.91 2.62 -11.47
C ARG D 157 11.19 3.51 -10.26
N ALA D 158 12.15 4.44 -10.38
CA ALA D 158 12.46 5.33 -9.26
C ALA D 158 11.30 6.29 -8.94
N TYR D 159 10.62 6.75 -10.00
CA TYR D 159 9.40 7.53 -9.84
C TYR D 159 8.31 6.72 -9.18
N LEU D 160 8.08 5.54 -9.70
CA LEU D 160 6.90 4.76 -9.35
C LEU D 160 7.02 4.22 -7.92
N GLU D 161 8.21 3.79 -7.51
CA GLU D 161 8.37 3.28 -6.13
C GLU D 161 8.61 4.41 -5.12
N GLY D 162 9.02 5.57 -5.63
CA GLY D 162 9.44 6.66 -4.77
C GLY D 162 8.46 7.81 -4.70
N THR D 163 8.75 8.82 -5.51
CA THR D 163 7.98 10.05 -5.68
C THR D 163 6.47 9.82 -5.74
N CYS D 164 6.05 8.88 -6.59
CA CYS D 164 4.62 8.55 -6.74
C CYS D 164 4.00 8.16 -5.40
N VAL D 165 4.65 7.23 -4.69
CA VAL D 165 4.18 6.73 -3.40
C VAL D 165 4.19 7.87 -2.37
N GLU D 166 5.27 8.68 -2.37
CA GLU D 166 5.38 9.77 -1.39
C GLU D 166 4.32 10.86 -1.58
N TRP D 167 3.99 11.17 -2.84
CA TRP D 167 2.98 12.18 -3.06
C TRP D 167 1.55 11.61 -2.91
N LEU D 168 1.38 10.32 -3.22
CA LEU D 168 0.10 9.65 -2.93
C LEU D 168 -0.24 9.73 -1.44
N ARG D 169 0.74 9.42 -0.58
CA ARG D 169 0.56 9.54 0.88
C ARG D 169 0.21 10.92 1.35
N ARG D 170 0.87 11.94 0.77
CA ARG D 170 0.59 13.32 1.08
C ARG D 170 -0.84 13.69 0.71
N TYR D 171 -1.28 13.27 -0.47
CA TYR D 171 -2.63 13.57 -0.94
C TYR D 171 -3.70 12.88 -0.09
N LEU D 172 -3.42 11.65 0.33
CA LEU D 172 -4.32 10.92 1.19
C LEU D 172 -4.48 11.62 2.54
N GLU D 173 -3.42 12.29 2.99
CA GLU D 173 -3.49 13.00 4.27
C GLU D 173 -4.30 14.27 4.15
N ASN D 174 -3.97 15.09 3.15
CA ASN D 174 -4.59 16.39 2.96
C ASN D 174 -6.05 16.31 2.57
N GLY D 175 -6.39 15.26 1.83
CA GLY D 175 -7.75 15.01 1.39
C GLY D 175 -8.38 13.87 2.13
N LYS D 176 -7.93 13.66 3.36
CA LYS D 176 -8.42 12.58 4.24
C LYS D 176 -9.91 12.36 4.24
N GLU D 177 -10.67 13.45 4.39
CA GLU D 177 -12.09 13.29 4.60
C GLU D 177 -12.82 12.81 3.35
N THR D 178 -12.30 13.16 2.20
CA THR D 178 -12.87 12.67 0.98
C THR D 178 -12.21 11.39 0.43
N LEU D 179 -10.93 11.16 0.69
CA LEU D 179 -10.26 9.97 0.17
C LEU D 179 -10.25 8.73 1.08
N GLN D 180 -10.17 8.93 2.39
CA GLN D 180 -10.20 7.83 3.35
C GLN D 180 -11.63 7.69 3.85
N ARG D 181 -12.53 7.38 2.95
CA ARG D 181 -13.92 7.23 3.29
C ARG D 181 -14.49 6.08 2.48
N THR D 182 -15.57 5.55 2.99
CA THR D 182 -16.31 4.52 2.30
C THR D 182 -17.78 4.90 2.46
N ASP D 183 -18.50 5.00 1.34
CA ASP D 183 -19.94 5.23 1.40
C ASP D 183 -20.58 3.98 0.91
N ALA D 184 -21.33 3.28 1.77
CA ALA D 184 -21.94 2.00 1.36
C ALA D 184 -23.10 2.26 0.42
N PRO D 185 -23.38 1.38 -0.55
CA PRO D 185 -24.50 1.54 -1.47
C PRO D 185 -25.87 1.48 -0.77
N LYS D 186 -26.74 2.37 -1.21
CA LYS D 186 -28.14 2.26 -0.80
C LYS D 186 -28.79 1.46 -1.89
N THR D 187 -29.38 0.32 -1.50
CA THR D 187 -29.84 -0.66 -2.48
C THR D 187 -31.35 -0.79 -2.46
N HIS D 188 -31.90 -1.12 -3.63
CA HIS D 188 -33.30 -1.53 -3.78
C HIS D 188 -33.49 -2.23 -5.11
N MET D 189 -34.63 -2.89 -5.25
CA MET D 189 -34.93 -3.44 -6.53
C MET D 189 -36.22 -2.82 -7.07
N THR D 190 -36.37 -2.71 -8.38
CA THR D 190 -37.62 -2.28 -8.95
C THR D 190 -38.24 -3.37 -9.77
N HIS D 191 -39.54 -3.25 -9.92
CA HIS D 191 -40.32 -4.24 -10.71
C HIS D 191 -41.27 -3.54 -11.65
N HIS D 192 -41.16 -3.85 -12.96
CA HIS D 192 -42.12 -3.32 -13.97
C HIS D 192 -42.50 -4.36 -15.01
N ALA D 193 -43.79 -4.51 -15.24
CA ALA D 193 -44.26 -5.47 -16.24
C ALA D 193 -43.79 -5.01 -17.63
N VAL D 194 -43.30 -5.92 -18.46
CA VAL D 194 -42.93 -5.55 -19.83
C VAL D 194 -44.09 -5.93 -20.77
N SER D 195 -44.88 -6.90 -20.30
CA SER D 195 -46.15 -7.34 -20.93
C SER D 195 -46.94 -8.08 -19.85
N ASP D 196 -48.00 -8.80 -20.27
CA ASP D 196 -48.82 -9.53 -19.31
C ASP D 196 -48.16 -10.81 -18.85
N HIS D 197 -46.99 -11.13 -19.39
CA HIS D 197 -46.35 -12.36 -18.99
C HIS D 197 -44.86 -12.20 -18.64
N GLU D 198 -44.28 -10.99 -18.74
CA GLU D 198 -42.90 -10.82 -18.35
C GLU D 198 -42.68 -9.55 -17.54
N ALA D 199 -41.65 -9.55 -16.68
CA ALA D 199 -41.36 -8.35 -15.87
C ALA D 199 -39.87 -8.03 -15.81
N THR D 200 -39.53 -6.75 -15.79
CA THR D 200 -38.13 -6.37 -15.57
C THR D 200 -37.89 -6.24 -14.10
N LEU D 201 -36.88 -6.94 -13.61
CA LEU D 201 -36.42 -6.78 -12.24
C LEU D 201 -35.11 -6.01 -12.34
N ARG D 202 -34.99 -4.91 -11.62
CA ARG D 202 -33.73 -4.19 -11.75
C ARG D 202 -33.18 -3.94 -10.36
N CYS D 203 -31.92 -4.36 -10.13
CA CYS D 203 -31.30 -4.25 -8.81
C CYS D 203 -30.42 -2.97 -8.81
N TRP D 204 -30.67 -2.02 -7.90
CA TRP D 204 -29.97 -0.74 -7.90
C TRP D 204 -29.01 -0.58 -6.75
N ALA D 205 -27.88 0.09 -7.01
CA ALA D 205 -26.99 0.50 -5.96
C ALA D 205 -26.68 1.95 -6.17
N LEU D 206 -26.95 2.78 -5.16
CA LEU D 206 -26.82 4.24 -5.34
C LEU D 206 -25.92 4.82 -4.24
N SER D 207 -25.31 5.97 -4.55
CA SER D 207 -24.61 6.79 -3.54
C SER D 207 -23.40 6.13 -2.88
N PHE D 208 -22.67 5.33 -3.65
CA PHE D 208 -21.52 4.63 -3.09
C PHE D 208 -20.17 5.14 -3.53
N TYR D 209 -19.17 4.84 -2.71
CA TYR D 209 -17.78 5.24 -2.93
C TYR D 209 -16.91 4.26 -2.15
N PRO D 210 -15.83 3.69 -2.72
CA PRO D 210 -15.38 3.89 -4.11
C PRO D 210 -16.22 3.14 -5.14
N ALA D 211 -15.82 3.29 -6.39
CA ALA D 211 -16.62 2.83 -7.52
C ALA D 211 -16.77 1.33 -7.62
N GLU D 212 -15.78 0.60 -7.11
CA GLU D 212 -15.73 -0.85 -7.26
C GLU D 212 -16.93 -1.49 -6.57
N ILE D 213 -17.68 -2.31 -7.30
CA ILE D 213 -18.88 -2.92 -6.73
C ILE D 213 -19.24 -4.19 -7.56
N THR D 214 -19.91 -5.17 -6.96
CA THR D 214 -20.43 -6.28 -7.75
C THR D 214 -21.93 -6.43 -7.53
N LEU D 215 -22.71 -6.54 -8.62
CA LEU D 215 -24.14 -6.77 -8.56
C LEU D 215 -24.38 -8.03 -9.38
N THR D 216 -25.09 -8.98 -8.78
CA THR D 216 -25.27 -10.29 -9.46
C THR D 216 -26.71 -10.73 -9.20
N TRP D 217 -27.41 -11.23 -10.24
CA TRP D 217 -28.71 -11.84 -10.05
C TRP D 217 -28.53 -13.34 -9.93
N GLN D 218 -29.25 -13.99 -9.00
CA GLN D 218 -29.33 -15.45 -8.93
C GLN D 218 -30.77 -15.88 -9.20
N ARG D 219 -30.98 -17.02 -9.89
CA ARG D 219 -32.28 -17.64 -10.03
C ARG D 219 -32.11 -18.96 -9.31
N ASP D 220 -32.87 -19.16 -8.24
CA ASP D 220 -32.62 -20.26 -7.27
C ASP D 220 -31.17 -20.45 -6.92
N GLY D 221 -30.38 -19.42 -6.64
CA GLY D 221 -29.00 -19.85 -6.41
C GLY D 221 -28.04 -19.94 -7.61
N GLU D 222 -28.55 -19.95 -8.85
CA GLU D 222 -27.64 -19.97 -10.02
C GLU D 222 -27.42 -18.58 -10.52
N ASP D 223 -26.15 -18.22 -10.74
CA ASP D 223 -25.84 -16.88 -11.29
C ASP D 223 -26.42 -16.77 -12.69
N GLN D 224 -27.04 -15.64 -12.98
CA GLN D 224 -27.70 -15.41 -14.26
C GLN D 224 -26.91 -14.44 -15.17
N THR D 225 -25.60 -14.56 -15.15
CA THR D 225 -24.67 -13.68 -15.89
C THR D 225 -25.04 -13.38 -17.35
N GLN D 226 -25.23 -14.45 -18.13
CA GLN D 226 -25.63 -14.37 -19.54
C GLN D 226 -27.00 -13.71 -19.80
N ASP D 227 -27.89 -13.70 -18.81
CA ASP D 227 -29.15 -13.02 -19.04
C ASP D 227 -29.30 -11.70 -18.30
N THR D 228 -28.22 -11.25 -17.65
CA THR D 228 -28.28 -10.01 -16.89
C THR D 228 -27.81 -8.84 -17.75
N GLU D 229 -28.56 -7.74 -17.75
CA GLU D 229 -28.03 -6.52 -18.35
C GLU D 229 -27.35 -5.71 -17.27
N LEU D 230 -26.04 -5.49 -17.39
CA LEU D 230 -25.32 -4.83 -16.30
C LEU D 230 -24.77 -3.56 -16.84
N VAL D 231 -25.21 -2.41 -16.35
CA VAL D 231 -24.63 -1.15 -16.89
C VAL D 231 -23.26 -0.79 -16.35
N GLU D 232 -22.54 0.05 -17.07
CA GLU D 232 -21.26 0.56 -16.51
C GLU D 232 -21.49 1.43 -15.31
N THR D 233 -20.62 1.25 -14.28
CA THR D 233 -20.74 2.06 -13.08
C THR D 233 -20.56 3.53 -13.53
N ARG D 234 -21.37 4.44 -12.98
CA ARG D 234 -21.48 5.76 -13.53
C ARG D 234 -21.43 6.75 -12.36
N PRO D 235 -20.83 7.89 -12.60
CA PRO D 235 -20.76 8.95 -11.57
C PRO D 235 -22.10 9.65 -11.36
N ALA D 236 -22.44 9.90 -10.10
CA ALA D 236 -23.62 10.72 -9.84
C ALA D 236 -23.37 12.22 -10.05
N GLY D 237 -22.11 12.64 -9.98
CA GLY D 237 -21.75 14.02 -10.10
C GLY D 237 -21.36 14.67 -8.79
N ASP D 238 -21.57 13.96 -7.67
CA ASP D 238 -21.30 14.46 -6.31
C ASP D 238 -20.18 13.70 -5.59
N GLY D 239 -19.42 12.92 -6.34
CA GLY D 239 -18.38 12.14 -5.71
C GLY D 239 -18.80 10.75 -5.30
N THR D 240 -20.03 10.38 -5.61
CA THR D 240 -20.47 9.01 -5.46
C THR D 240 -20.84 8.41 -6.83
N PHE D 241 -21.08 7.08 -6.79
CA PHE D 241 -21.34 6.29 -8.01
C PHE D 241 -22.65 5.54 -7.94
N GLN D 242 -23.12 5.05 -9.10
CA GLN D 242 -24.41 4.36 -9.24
C GLN D 242 -24.16 3.17 -10.10
N LYS D 243 -25.00 2.13 -9.97
CA LYS D 243 -24.93 1.00 -10.90
C LYS D 243 -26.25 0.24 -10.80
N TRP D 244 -26.70 -0.32 -11.91
CA TRP D 244 -27.79 -1.29 -11.83
C TRP D 244 -27.56 -2.55 -12.63
N ALA D 245 -28.30 -3.61 -12.28
CA ALA D 245 -28.30 -4.86 -13.06
C ALA D 245 -29.77 -5.28 -13.25
N ALA D 246 -30.15 -5.69 -14.46
CA ALA D 246 -31.57 -6.03 -14.71
C ALA D 246 -31.70 -7.38 -15.38
N VAL D 247 -32.80 -8.05 -15.08
CA VAL D 247 -33.16 -9.31 -15.77
C VAL D 247 -34.62 -9.22 -16.16
N VAL D 248 -34.98 -9.95 -17.21
CA VAL D 248 -36.41 -9.97 -17.59
C VAL D 248 -36.89 -11.38 -17.31
N VAL D 249 -38.00 -11.52 -16.59
CA VAL D 249 -38.36 -12.76 -15.93
C VAL D 249 -39.81 -13.06 -16.27
N PRO D 250 -40.19 -14.34 -16.39
CA PRO D 250 -41.61 -14.66 -16.49
C PRO D 250 -42.38 -14.20 -15.21
N SER D 251 -43.51 -13.53 -15.43
CA SER D 251 -44.44 -13.11 -14.35
C SER D 251 -44.78 -14.31 -13.52
N GLY D 252 -44.61 -14.13 -12.21
CA GLY D 252 -44.89 -15.21 -11.29
C GLY D 252 -43.61 -15.78 -10.72
N GLN D 253 -42.46 -15.61 -11.40
CA GLN D 253 -41.23 -16.25 -10.89
C GLN D 253 -40.36 -15.33 -10.06
N GLU D 254 -40.87 -14.16 -9.69
CA GLU D 254 -40.05 -13.14 -9.00
C GLU D 254 -39.34 -13.66 -7.78
N GLN D 255 -40.01 -14.52 -7.01
CA GLN D 255 -39.46 -15.01 -5.74
C GLN D 255 -38.30 -15.96 -6.01
N ARG D 256 -38.12 -16.42 -7.27
CA ARG D 256 -36.89 -17.19 -7.58
C ARG D 256 -35.59 -16.38 -7.68
N TYR D 257 -35.73 -15.07 -7.88
CA TYR D 257 -34.65 -14.19 -8.25
C TYR D 257 -34.18 -13.32 -7.06
N THR D 258 -32.90 -13.35 -6.82
CA THR D 258 -32.34 -12.51 -5.76
C THR D 258 -31.23 -11.71 -6.34
N CYS D 259 -31.03 -10.50 -5.80
CA CYS D 259 -29.89 -9.67 -6.21
C CYS D 259 -28.84 -9.62 -5.11
N HIS D 260 -27.57 -9.76 -5.49
CA HIS D 260 -26.48 -9.91 -4.51
C HIS D 260 -25.50 -8.75 -4.68
N VAL D 261 -25.23 -8.04 -3.59
CA VAL D 261 -24.47 -6.81 -3.71
C VAL D 261 -23.23 -6.90 -2.85
N GLN D 262 -22.05 -6.68 -3.45
CA GLN D 262 -20.82 -6.69 -2.73
C GLN D 262 -20.11 -5.32 -2.86
N HIS D 263 -19.72 -4.73 -1.74
CA HIS D 263 -19.04 -3.42 -1.80
C HIS D 263 -18.25 -3.33 -0.51
N GLU D 264 -17.10 -2.67 -0.55
CA GLU D 264 -16.28 -2.53 0.65
C GLU D 264 -16.92 -1.84 1.88
N GLY D 265 -17.93 -1.01 1.61
CA GLY D 265 -18.81 -0.39 2.60
C GLY D 265 -19.81 -1.27 3.31
N LEU D 266 -20.04 -2.45 2.76
CA LEU D 266 -20.93 -3.39 3.38
C LEU D 266 -20.10 -4.33 4.28
N PRO D 267 -20.52 -4.46 5.54
CA PRO D 267 -19.94 -5.38 6.52
C PRO D 267 -20.01 -6.84 6.03
N LYS D 268 -21.08 -7.16 5.32
CA LYS D 268 -21.33 -8.47 4.74
C LYS D 268 -22.00 -8.20 3.39
N PRO D 269 -21.80 -9.08 2.41
CA PRO D 269 -22.55 -8.98 1.14
C PRO D 269 -24.09 -8.90 1.37
N LEU D 270 -24.83 -8.07 0.61
CA LEU D 270 -26.28 -7.96 0.83
C LEU D 270 -27.04 -8.84 -0.15
N THR D 271 -28.11 -9.48 0.30
CA THR D 271 -29.00 -10.14 -0.62
C THR D 271 -30.35 -9.44 -0.59
N LEU D 272 -30.88 -9.07 -1.73
CA LEU D 272 -32.23 -8.46 -1.74
C LEU D 272 -33.18 -9.46 -2.36
N ARG D 273 -34.41 -9.48 -1.87
CA ARG D 273 -35.36 -10.55 -2.23
C ARG D 273 -36.70 -9.97 -2.54
N TRP D 274 -37.52 -10.74 -3.25
CA TRP D 274 -38.89 -10.30 -3.50
C TRP D 274 -39.98 -10.78 -2.49
N GLU D 275 -39.59 -11.25 -1.33
CA GLU D 275 -40.55 -11.70 -0.30
C GLU D 275 -39.81 -11.54 1.01
N MET E 1 -9.00 0.98 -38.52
CA MET E 1 -8.72 1.41 -37.15
C MET E 1 -9.77 0.89 -36.21
N ILE E 2 -9.38 0.70 -34.96
CA ILE E 2 -10.30 0.38 -33.87
C ILE E 2 -11.38 1.45 -33.72
N GLN E 3 -12.63 1.00 -33.59
CA GLN E 3 -13.71 1.91 -33.28
C GLN E 3 -14.54 1.16 -32.23
N ARG E 4 -14.94 1.87 -31.17
CA ARG E 4 -15.78 1.26 -30.15
C ARG E 4 -16.94 2.19 -29.88
N THR E 5 -18.13 1.61 -29.74
CA THR E 5 -19.39 2.35 -29.66
C THR E 5 -19.63 2.89 -28.25
N PRO E 6 -20.09 4.14 -28.11
CA PRO E 6 -20.43 4.63 -26.77
C PRO E 6 -21.64 3.96 -26.17
N LYS E 7 -21.54 3.66 -24.88
CA LYS E 7 -22.63 3.14 -24.06
C LYS E 7 -23.21 4.38 -23.36
N ILE E 8 -24.46 4.70 -23.59
CA ILE E 8 -24.99 6.03 -23.22
C ILE E 8 -25.97 5.78 -22.06
N GLN E 9 -25.84 6.51 -20.97
CA GLN E 9 -26.82 6.40 -19.88
C GLN E 9 -27.32 7.80 -19.52
N VAL E 10 -28.64 7.99 -19.44
CA VAL E 10 -29.21 9.31 -19.08
C VAL E 10 -29.96 9.14 -17.78
N TYR E 11 -29.66 9.95 -16.76
CA TYR E 11 -30.21 9.69 -15.47
C TYR E 11 -30.04 10.94 -14.61
N SER E 12 -30.75 10.95 -13.50
CA SER E 12 -30.57 12.04 -12.56
C SER E 12 -29.60 11.68 -11.42
N ARG E 13 -28.95 12.72 -10.87
CA ARG E 13 -28.10 12.52 -9.68
C ARG E 13 -28.83 11.95 -8.48
N HIS E 14 -30.01 12.49 -8.19
CA HIS E 14 -30.82 12.14 -7.04
C HIS E 14 -32.16 11.65 -7.57
N PRO E 15 -32.90 10.85 -6.77
CA PRO E 15 -34.25 10.43 -7.15
C PRO E 15 -35.10 11.63 -7.51
N ALA E 16 -35.73 11.59 -8.68
CA ALA E 16 -36.45 12.75 -9.16
C ALA E 16 -37.73 13.01 -8.38
N GLU E 17 -37.97 14.28 -8.16
CA GLU E 17 -39.17 14.70 -7.46
C GLU E 17 -39.60 15.98 -8.19
N ASN E 18 -40.86 16.04 -8.67
CA ASN E 18 -41.33 17.22 -9.42
C ASN E 18 -41.14 18.48 -8.56
N GLY E 19 -40.39 19.44 -9.08
CA GLY E 19 -40.28 20.72 -8.40
C GLY E 19 -39.04 20.89 -7.55
N LYS E 20 -38.22 19.86 -7.50
CA LYS E 20 -37.07 19.91 -6.65
C LYS E 20 -35.86 19.85 -7.59
N SER E 21 -34.98 20.84 -7.47
CA SER E 21 -33.80 20.86 -8.35
C SER E 21 -32.91 19.66 -8.13
N ASN E 22 -32.20 19.33 -9.18
CA ASN E 22 -31.52 18.05 -9.31
C ASN E 22 -30.50 18.29 -10.41
N PHE E 23 -29.80 17.25 -10.83
CA PHE E 23 -28.87 17.37 -11.92
C PHE E 23 -29.17 16.27 -12.90
N LEU E 24 -29.23 16.62 -14.17
CA LEU E 24 -29.38 15.63 -15.22
C LEU E 24 -28.04 15.26 -15.81
N ASN E 25 -27.79 13.96 -15.93
CA ASN E 25 -26.49 13.44 -16.38
C ASN E 25 -26.67 12.65 -17.64
N CYS E 26 -25.71 12.81 -18.56
CA CYS E 26 -25.60 11.87 -19.66
C CYS E 26 -24.17 11.35 -19.61
N TYR E 27 -24.01 10.07 -19.32
CA TYR E 27 -22.68 9.53 -19.16
C TYR E 27 -22.41 8.67 -20.38
N VAL E 28 -21.29 8.90 -21.04
CA VAL E 28 -20.95 8.13 -22.23
C VAL E 28 -19.65 7.42 -21.98
N SER E 29 -19.59 6.11 -22.20
CA SER E 29 -18.39 5.37 -21.82
C SER E 29 -18.09 4.35 -22.88
N GLY E 30 -16.91 3.77 -22.80
CA GLY E 30 -16.61 2.66 -23.68
C GLY E 30 -16.25 3.01 -25.12
N PHE E 31 -16.05 4.30 -25.47
CA PHE E 31 -15.92 4.69 -26.86
C PHE E 31 -14.49 4.91 -27.33
N HIS E 32 -14.30 4.80 -28.66
CA HIS E 32 -13.00 5.03 -29.30
C HIS E 32 -13.30 5.27 -30.82
N PRO E 33 -12.74 6.29 -31.48
CA PRO E 33 -11.83 7.33 -30.96
C PRO E 33 -12.54 8.37 -30.07
N SER E 34 -11.81 9.40 -29.64
CA SER E 34 -12.38 10.29 -28.61
C SER E 34 -13.39 11.33 -29.12
N ASP E 35 -13.43 11.61 -30.42
CA ASP E 35 -14.31 12.71 -30.86
C ASP E 35 -15.74 12.23 -30.74
N ILE E 36 -16.60 13.06 -30.15
CA ILE E 36 -17.95 12.65 -29.82
C ILE E 36 -18.74 13.94 -29.57
N GLU E 37 -20.02 13.91 -29.95
CA GLU E 37 -20.87 15.06 -29.79
C GLU E 37 -21.96 14.55 -28.83
N VAL E 38 -22.14 15.28 -27.73
CA VAL E 38 -23.17 14.91 -26.71
C VAL E 38 -24.04 16.13 -26.41
N ASP E 39 -25.36 16.01 -26.52
CA ASP E 39 -26.19 17.14 -26.16
C ASP E 39 -27.23 16.65 -25.21
N LEU E 40 -27.52 17.44 -24.20
CA LEU E 40 -28.68 17.19 -23.37
C LEU E 40 -29.86 17.96 -23.99
N LEU E 41 -31.04 17.33 -24.00
CA LEU E 41 -32.20 17.95 -24.59
C LEU E 41 -33.36 18.13 -23.63
N LYS E 42 -34.13 19.20 -23.79
CA LYS E 42 -35.36 19.40 -23.04
C LYS E 42 -36.48 19.64 -24.04
N ASN E 43 -37.48 18.75 -24.06
CA ASN E 43 -38.57 18.79 -25.07
C ASN E 43 -38.02 18.94 -26.50
N GLY E 44 -36.98 18.16 -26.77
CA GLY E 44 -36.29 18.09 -28.04
C GLY E 44 -35.31 19.22 -28.38
N GLU E 45 -35.19 20.21 -27.50
CA GLU E 45 -34.37 21.39 -27.78
C GLU E 45 -33.04 21.22 -27.04
N ARG E 46 -31.94 21.54 -27.70
CA ARG E 46 -30.63 21.52 -27.08
C ARG E 46 -30.52 22.47 -25.87
N ILE E 47 -30.07 21.92 -24.75
CA ILE E 47 -29.77 22.74 -23.58
C ILE E 47 -28.37 23.35 -23.74
N GLU E 48 -28.29 24.66 -23.82
CA GLU E 48 -27.04 25.37 -24.09
C GLU E 48 -26.13 25.45 -22.88
N LYS E 49 -26.73 25.40 -21.70
CA LYS E 49 -26.08 25.55 -20.41
C LYS E 49 -25.67 24.18 -19.83
N VAL E 50 -24.66 23.54 -20.42
CA VAL E 50 -24.26 22.16 -20.03
C VAL E 50 -22.73 22.06 -19.85
N GLU E 51 -22.26 21.38 -18.80
CA GLU E 51 -20.85 21.27 -18.56
C GLU E 51 -20.44 19.84 -18.82
N HIS E 52 -19.14 19.60 -19.02
CA HIS E 52 -18.71 18.21 -19.07
C HIS E 52 -17.42 17.97 -18.30
N SER E 53 -17.17 16.70 -18.06
CA SER E 53 -15.99 16.26 -17.32
C SER E 53 -14.81 16.29 -18.27
N ASP E 54 -13.63 16.14 -17.68
CA ASP E 54 -12.40 16.12 -18.47
C ASP E 54 -12.19 14.73 -19.04
N LEU E 55 -11.80 14.63 -20.30
CA LEU E 55 -11.67 13.33 -20.99
C LEU E 55 -10.72 12.42 -20.26
N SER E 56 -11.18 11.21 -19.94
CA SER E 56 -10.32 10.23 -19.31
C SER E 56 -10.64 8.91 -19.95
N PHE E 57 -10.00 7.86 -19.49
CA PHE E 57 -10.23 6.54 -20.09
C PHE E 57 -10.01 5.39 -19.09
N SER E 58 -10.53 4.22 -19.45
CA SER E 58 -10.58 3.09 -18.58
C SER E 58 -9.39 2.22 -18.86
N LYS E 59 -9.31 1.13 -18.13
CA LYS E 59 -8.18 0.22 -18.21
C LYS E 59 -7.95 -0.35 -19.62
N ASP E 60 -9.04 -0.47 -20.39
CA ASP E 60 -8.97 -1.00 -21.74
C ASP E 60 -8.83 0.06 -22.83
N TRP E 61 -8.46 1.26 -22.39
CA TRP E 61 -8.22 2.46 -23.20
C TRP E 61 -9.46 3.15 -23.73
N SER E 62 -10.67 2.61 -23.45
CA SER E 62 -11.83 3.28 -23.96
C SER E 62 -12.15 4.52 -23.17
N PHE E 63 -12.72 5.53 -23.84
CA PHE E 63 -12.92 6.82 -23.20
C PHE E 63 -14.24 6.91 -22.48
N TYR E 64 -14.31 7.83 -21.52
CA TYR E 64 -15.60 8.14 -20.87
C TYR E 64 -15.69 9.65 -20.57
N LEU E 65 -16.94 10.16 -20.61
CA LEU E 65 -17.23 11.57 -20.35
C LEU E 65 -18.59 11.65 -19.69
N LEU E 66 -18.72 12.62 -18.79
CA LEU E 66 -20.01 12.92 -18.17
C LEU E 66 -20.40 14.32 -18.62
N TYR E 67 -21.63 14.46 -19.10
CA TYR E 67 -22.22 15.75 -19.50
C TYR E 67 -23.35 15.99 -18.52
N TYR E 68 -23.44 17.18 -17.97
CA TYR E 68 -24.41 17.40 -16.91
C TYR E 68 -24.96 18.83 -16.88
N THR E 69 -26.17 18.97 -16.35
CA THR E 69 -26.79 20.30 -16.18
C THR E 69 -27.74 20.25 -14.97
N GLU E 70 -27.97 21.40 -14.32
CA GLU E 70 -28.99 21.49 -13.27
C GLU E 70 -30.29 21.52 -13.95
N PHE E 71 -31.29 20.88 -13.33
CA PHE E 71 -32.63 20.89 -13.87
C PHE E 71 -33.60 20.67 -12.75
N THR E 72 -34.84 21.06 -13.03
CA THR E 72 -35.89 20.86 -12.06
C THR E 72 -37.00 20.10 -12.82
N PRO E 73 -37.12 18.79 -12.56
CA PRO E 73 -38.11 17.95 -13.24
C PRO E 73 -39.55 18.38 -12.94
N THR E 74 -40.41 18.23 -13.94
CA THR E 74 -41.85 18.45 -13.80
C THR E 74 -42.59 17.26 -14.42
N GLU E 75 -43.91 17.32 -14.38
CA GLU E 75 -44.73 16.30 -14.94
C GLU E 75 -44.50 16.05 -16.42
N LYS E 76 -44.52 17.14 -17.18
CA LYS E 76 -44.59 17.02 -18.61
C LYS E 76 -43.29 17.27 -19.37
N ASP E 77 -42.29 17.88 -18.75
CA ASP E 77 -41.03 18.13 -19.48
C ASP E 77 -40.31 16.83 -19.78
N GLU E 78 -39.93 16.63 -21.04
CA GLU E 78 -39.20 15.43 -21.45
C GLU E 78 -37.73 15.73 -21.65
N TYR E 79 -36.87 14.88 -21.11
CA TYR E 79 -35.41 15.08 -21.22
C TYR E 79 -34.76 13.93 -21.90
N ALA E 80 -33.68 14.23 -22.63
CA ALA E 80 -32.98 13.20 -23.40
C ALA E 80 -31.52 13.56 -23.60
N CYS E 81 -30.73 12.59 -24.06
CA CYS E 81 -29.33 12.86 -24.41
C CYS E 81 -29.19 12.45 -25.87
N ARG E 82 -28.50 13.26 -26.69
CA ARG E 82 -28.36 12.94 -28.10
C ARG E 82 -26.87 12.83 -28.36
N VAL E 83 -26.46 11.72 -28.92
CA VAL E 83 -25.05 11.42 -29.08
C VAL E 83 -24.67 11.07 -30.52
N ASN E 84 -23.59 11.66 -31.06
CA ASN E 84 -23.08 11.21 -32.32
C ASN E 84 -21.63 10.81 -32.18
N HIS E 85 -21.29 9.81 -32.96
CA HIS E 85 -19.95 9.20 -32.89
C HIS E 85 -19.74 8.46 -34.21
N VAL E 86 -18.48 8.22 -34.60
CA VAL E 86 -18.24 7.58 -35.91
C VAL E 86 -18.88 6.20 -36.00
N THR E 87 -19.09 5.55 -34.86
CA THR E 87 -19.72 4.19 -34.85
C THR E 87 -21.22 4.17 -35.07
N LEU E 88 -21.86 5.33 -34.95
CA LEU E 88 -23.31 5.43 -35.01
C LEU E 88 -23.70 5.90 -36.41
N SER E 89 -24.61 5.17 -37.06
CA SER E 89 -25.04 5.52 -38.41
C SER E 89 -25.97 6.73 -38.45
N GLN E 90 -26.53 7.11 -37.32
CA GLN E 90 -27.29 8.36 -37.12
C GLN E 90 -27.14 8.77 -35.65
N PRO E 91 -27.41 10.04 -35.26
CA PRO E 91 -27.37 10.34 -33.83
C PRO E 91 -28.37 9.51 -33.05
N LYS E 92 -27.93 9.03 -31.91
CA LYS E 92 -28.72 8.15 -31.05
C LYS E 92 -29.29 9.02 -29.97
N ILE E 93 -30.61 8.97 -29.85
CA ILE E 93 -31.27 9.68 -28.76
C ILE E 93 -31.74 8.69 -27.68
N VAL E 94 -31.32 8.93 -26.44
CA VAL E 94 -31.76 8.09 -25.32
C VAL E 94 -32.59 8.98 -24.41
N LYS E 95 -33.83 8.61 -24.16
CA LYS E 95 -34.68 9.41 -23.29
C LYS E 95 -34.44 9.15 -21.82
N TRP E 96 -34.57 10.21 -21.01
CA TRP E 96 -34.58 9.98 -19.56
C TRP E 96 -35.86 9.30 -19.13
N ASP E 97 -35.71 8.24 -18.34
CA ASP E 97 -36.81 7.43 -17.90
C ASP E 97 -36.70 7.41 -16.39
N ARG E 98 -37.61 8.13 -15.73
CA ARG E 98 -37.43 8.32 -14.31
C ARG E 98 -37.96 7.14 -13.51
N ASP E 99 -38.65 6.21 -14.15
CA ASP E 99 -39.28 5.08 -13.39
C ASP E 99 -38.49 3.78 -13.51
N MET E 100 -37.21 3.87 -13.86
CA MET E 100 -36.38 2.62 -13.96
C MET E 100 -36.03 2.07 -12.58
N ILE F 1 2.13 14.12 -7.67
CA ILE F 1 2.75 14.84 -8.80
C ILE F 1 3.08 13.91 -9.97
N THR F 2 3.22 14.52 -11.14
CA THR F 2 3.59 13.78 -12.34
C THR F 2 5.07 13.40 -12.32
N ASP F 3 5.38 12.43 -13.15
CA ASP F 3 6.77 12.13 -13.47
C ASP F 3 7.39 13.25 -14.34
N GLN F 4 8.72 13.20 -14.50
CA GLN F 4 9.40 14.15 -15.39
C GLN F 4 9.10 13.81 -16.83
N VAL F 5 9.57 14.66 -17.75
CA VAL F 5 9.27 14.49 -19.19
C VAL F 5 9.53 13.04 -19.68
N PRO F 6 8.51 12.49 -20.33
CA PRO F 6 8.61 11.13 -20.87
C PRO F 6 9.57 11.09 -22.07
N PHE F 7 10.18 9.94 -22.26
CA PHE F 7 11.07 9.67 -23.36
C PHE F 7 10.18 9.42 -24.55
N SER F 8 10.56 9.88 -25.70
CA SER F 8 9.83 9.68 -26.95
C SER F 8 9.83 8.22 -27.37
N VAL F 9 8.77 7.78 -28.06
CA VAL F 9 8.73 6.44 -28.63
C VAL F 9 9.66 6.28 -29.87
C1 GOL G . -13.37 -7.23 33.66
O1 GOL G . -14.53 -7.69 33.00
C2 GOL G . -12.14 -7.77 32.96
O2 GOL G . -12.38 -7.78 31.57
C3 GOL G . -11.05 -6.76 33.29
O3 GOL G . -10.51 -6.99 34.56
C1 GOL H . 10.74 -1.25 14.33
O1 GOL H . 9.73 -0.58 15.05
C2 GOL H . 11.93 -1.38 15.27
O2 GOL H . 11.66 -2.40 16.23
C3 GOL H . 13.03 -1.85 14.33
O3 GOL H . 14.25 -2.31 14.93
C1 GOL I . -12.70 -19.88 23.80
O1 GOL I . -13.42 -18.83 23.14
C2 GOL I . -13.69 -20.64 24.68
O2 GOL I . -14.80 -21.00 23.91
C3 GOL I . -13.07 -21.94 25.20
O3 GOL I . -13.98 -22.47 26.16
C1 GOL J . -5.43 -19.57 22.61
O1 GOL J . -5.69 -18.22 22.66
C2 GOL J . -3.91 -19.53 22.74
O2 GOL J . -3.58 -19.65 24.09
C3 GOL J . -3.38 -20.65 21.87
O3 GOL J . -2.52 -21.41 22.67
C1 GOL K . 31.20 -4.08 8.39
O1 GOL K . 30.70 -4.88 9.41
C2 GOL K . 31.66 -2.63 8.66
O2 GOL K . 32.60 -2.26 9.72
C3 GOL K . 31.96 -2.08 7.26
O3 GOL K . 32.37 -3.05 6.33
C1 GOL L . 34.63 -11.66 9.61
O1 GOL L . 35.40 -11.14 8.54
C2 GOL L . 33.14 -11.49 9.54
O2 GOL L . 32.50 -11.54 8.28
C3 GOL L . 32.66 -12.63 10.44
O3 GOL L . 31.38 -12.41 10.95
C1 GOL M . 15.16 -4.53 12.48
O1 GOL M . 15.33 -5.39 11.39
C2 GOL M . 15.11 -5.40 13.72
O2 GOL M . 14.08 -4.98 14.60
C3 GOL M . 16.53 -5.52 14.27
O3 GOL M . 16.74 -6.30 15.43
C1 GOL N . 28.34 -23.67 30.93
O1 GOL N . 26.94 -23.69 30.66
C2 GOL N . 29.09 -24.83 30.25
O2 GOL N . 28.28 -25.69 29.48
C3 GOL N . 30.31 -24.36 29.46
O3 GOL N . 30.07 -24.52 28.07
C1 GOL O . 29.71 -9.45 9.27
O1 GOL O . 30.12 -10.27 10.29
C2 GOL O . 30.56 -8.24 9.35
O2 GOL O . 31.60 -8.42 10.28
C3 GOL O . 31.20 -8.45 8.05
O3 GOL O . 32.08 -7.39 7.98
C1 GOL P . -9.39 5.11 -11.85
O1 GOL P . -8.01 5.29 -11.65
C2 GOL P . -9.97 6.31 -12.62
O2 GOL P . -10.43 5.92 -13.91
C3 GOL P . -11.18 6.72 -11.80
O3 GOL P . -11.50 5.67 -10.94
C1 GOL Q . -30.88 -17.91 -1.29
O1 GOL Q . -30.98 -19.10 -2.05
C2 GOL Q . -29.64 -17.10 -1.71
O2 GOL Q . -29.54 -16.95 -3.12
C3 GOL Q . -29.63 -15.79 -0.98
O3 GOL Q . -28.48 -15.40 -0.23
C1 GOL R . -41.52 -18.81 -8.08
O1 GOL R . -41.81 -17.47 -7.69
C2 GOL R . -42.55 -19.65 -8.83
O2 GOL R . -42.73 -19.14 -10.10
C3 GOL R . -42.02 -21.07 -9.05
O3 GOL R . -41.80 -21.33 -10.43
C1 GOL S . 6.15 20.32 -6.46
O1 GOL S . 6.41 21.62 -6.00
C2 GOL S . 6.85 20.27 -7.81
O2 GOL S . 7.48 19.02 -8.01
C3 GOL S . 5.90 20.60 -8.92
O3 GOL S . 6.43 20.06 -10.11
C1 GOL T . 2.41 15.70 -35.12
O1 GOL T . 2.40 16.19 -33.80
C2 GOL T . 1.01 15.23 -35.53
O2 GOL T . 0.24 16.30 -36.06
C3 GOL T . 1.22 14.03 -36.44
O3 GOL T . 0.29 13.88 -37.49
C1 GOL U . -38.44 4.68 -8.57
O1 GOL U . -39.24 3.66 -9.13
C2 GOL U . -37.16 4.22 -7.87
O2 GOL U . -37.30 3.03 -7.21
C3 GOL U . -36.02 4.27 -8.87
O3 GOL U . -35.17 3.17 -8.93
C1 GOL V . -16.87 4.71 -13.51
O1 GOL V . -17.89 5.59 -13.07
C2 GOL V . -15.80 4.46 -12.49
O2 GOL V . -15.43 3.10 -12.65
C3 GOL V . -14.64 5.45 -12.72
O3 GOL V . -13.98 5.25 -13.96
C1 GOL W . -2.71 0.49 -35.31
O1 GOL W . -1.28 0.72 -35.23
C2 GOL W . -3.52 1.64 -35.89
O2 GOL W . -2.76 2.79 -36.13
C3 GOL W . -4.60 1.21 -36.89
O3 GOL W . -4.91 2.21 -37.85
C1 GOL X . -16.41 3.27 -16.98
O1 GOL X . -17.59 3.96 -16.70
C2 GOL X . -16.73 1.88 -16.49
O2 GOL X . -17.05 1.11 -17.62
C3 GOL X . -15.63 1.29 -15.59
O3 GOL X . -14.76 0.42 -16.30
C1 GOL Y . -30.60 7.85 -3.48
O1 GOL Y . -30.49 7.80 -2.09
C2 GOL Y . -29.35 8.49 -4.06
O2 GOL Y . -28.28 7.95 -3.39
C3 GOL Y . -29.15 8.16 -5.50
O3 GOL Y . -29.37 9.16 -6.42
C1 GOL Z . 18.29 -0.16 -11.96
O1 GOL Z . 19.60 -0.01 -11.49
C2 GOL Z . 17.35 -0.81 -10.97
O2 GOL Z . 16.45 0.20 -10.55
C3 GOL Z . 16.66 -1.93 -11.77
O3 GOL Z . 15.25 -1.80 -11.85
C1 GOL AA . -30.64 7.33 -10.25
O1 GOL AA . -30.37 8.14 -11.35
C2 GOL AA . -32.01 7.66 -9.73
O2 GOL AA . -32.87 6.55 -9.89
C3 GOL AA . -31.73 7.87 -8.27
O3 GOL AA . -30.74 8.85 -8.13
C1 GOL BA . -35.99 14.34 -28.58
O1 GOL BA . -36.38 13.16 -27.89
C2 GOL BA . -36.66 14.42 -29.95
O2 GOL BA . -37.77 15.32 -29.92
C3 GOL BA . -35.61 14.77 -31.01
O3 GOL BA . -35.49 16.17 -31.25
#